data_3EBF
#
_entry.id   3EBF
#
_cell.length_a   212.940
_cell.length_b   212.940
_cell.length_c   116.580
_cell.angle_alpha   90.000
_cell.angle_beta   90.000
_cell.angle_gamma   120.000
#
_symmetry.space_group_name_H-M   'P 61 2 2'
#
loop_
_entity.id
_entity.type
_entity.pdbx_description
1 polymer 'Nitric oxide synthase, inducible'
2 non-polymer 'PROTOPORPHYRIN IX CONTAINING FE'
3 non-polymer 5,6,7,8-TETRAHYDROBIOPTERIN
4 non-polymer (3R)-3-[(1,2,3,4-tetrahydroisoquinolin-7-yloxy)methyl]-2,3-dihydrothieno[2,3-f][1,4]oxazepin-5-amine
5 non-polymer 'SULFATE ION'
6 water water
#
_entity_poly.entity_id   1
_entity_poly.type   'polypeptide(L)'
_entity_poly.pdbx_seq_one_letter_code
;LDKLHVTSTRPQYVRIKNWGSGEILHDTLHHKATSDFTCKSKSCLGSIMNPKSLTRGPRDKPTPLEELLPHAIEFINQYY
GSFKEAKIEEHLARLEAVTKEIETTGTYQLTLDELIFATKMAWRNAPRCIGRIQWSNLQVFDARNCSTAQEMFQHICRHI
LYATNNGNIRSAITVFPQRSDGKHDFRLWNSQLIRYAGYQMPDGTIRGDAATLEFTQLCIDLGWKPRYGRFDVLPLVLQA
DGQDPEVFEIPPDLVLEVTMEHPKYEWFQELGLKWYALPAVANMLLEVGGLEFPACPFNGWYMGTEIGVRDFCDTQRYNI
LEEVGRRMGLETHTLASLWKDRAVTEINVAVLHSFQKQNVTIMDHHTASESFMKHMQNEYRARGGCPADWIWLVPPVSGS
ITPVFHQEMLNYVLSPFYYYQIEPWKTHIWQNE
;
_entity_poly.pdbx_strand_id   A,B
#
loop_
_chem_comp.id
_chem_comp.type
_chem_comp.name
_chem_comp.formula
332 non-polymer (3R)-3-[(1,2,3,4-tetrahydroisoquinolin-7-yloxy)methyl]-2,3-dihydrothieno[2,3-f][1,4]oxazepin-5-amine 'C17 H19 N3 O2 S'
H4B non-polymer 5,6,7,8-TETRAHYDROBIOPTERIN 'C9 H15 N5 O3'
HEM non-polymer 'PROTOPORPHYRIN IX CONTAINING FE' 'C34 H32 Fe N4 O4'
SO4 non-polymer 'SULFATE ION' 'O4 S -2'
#
# COMPACT_ATOMS: atom_id res chain seq x y z
N GLN A 12 -51.67 -12.76 -19.75
CA GLN A 12 -51.84 -14.21 -19.47
C GLN A 12 -50.51 -14.94 -19.56
N TYR A 13 -49.86 -14.86 -20.72
CA TYR A 13 -48.57 -15.52 -20.91
C TYR A 13 -47.78 -14.86 -22.04
N VAL A 14 -46.46 -14.89 -21.92
CA VAL A 14 -45.60 -14.31 -22.95
C VAL A 14 -45.17 -15.43 -23.88
N ARG A 15 -45.43 -15.23 -25.17
CA ARG A 15 -45.09 -16.20 -26.21
C ARG A 15 -43.60 -16.16 -26.53
N ILE A 16 -42.98 -17.33 -26.53
CA ILE A 16 -41.55 -17.46 -26.80
C ILE A 16 -41.33 -18.49 -27.91
N LYS A 17 -40.40 -18.20 -28.82
CA LYS A 17 -40.16 -19.10 -29.94
C LYS A 17 -38.71 -19.52 -30.17
N ASN A 18 -38.55 -20.76 -30.62
CA ASN A 18 -37.25 -21.31 -30.95
C ASN A 18 -37.27 -21.35 -32.48
N TRP A 19 -36.40 -20.57 -33.11
CA TRP A 19 -36.38 -20.52 -34.57
C TRP A 19 -35.62 -21.64 -35.24
N GLY A 20 -35.06 -22.54 -34.43
CA GLY A 20 -34.35 -23.67 -35.00
C GLY A 20 -35.30 -24.83 -35.19
N SER A 21 -36.31 -24.91 -34.32
CA SER A 21 -37.30 -25.98 -34.36
C SER A 21 -38.70 -25.45 -34.63
N GLY A 22 -38.88 -24.15 -34.45
CA GLY A 22 -40.18 -23.56 -34.65
C GLY A 22 -41.07 -23.72 -33.43
N GLU A 23 -40.60 -24.48 -32.45
CA GLU A 23 -41.37 -24.71 -31.22
C GLU A 23 -41.71 -23.45 -30.45
N ILE A 24 -42.93 -23.42 -29.91
CA ILE A 24 -43.40 -22.29 -29.14
C ILE A 24 -43.58 -22.67 -27.68
N LEU A 25 -43.30 -21.72 -26.79
CA LEU A 25 -43.45 -21.94 -25.36
C LEU A 25 -44.21 -20.76 -24.77
N HIS A 26 -44.97 -21.01 -23.71
CA HIS A 26 -45.74 -19.96 -23.06
C HIS A 26 -45.19 -19.70 -21.67
N ASP A 27 -44.73 -18.48 -21.45
CA ASP A 27 -44.15 -18.11 -20.16
C ASP A 27 -45.17 -17.40 -19.27
N THR A 28 -45.40 -17.96 -18.09
CA THR A 28 -46.32 -17.37 -17.12
C THR A 28 -45.56 -17.09 -15.81
N LEU A 29 -44.42 -17.76 -15.66
CA LEU A 29 -43.61 -17.62 -14.46
C LEU A 29 -43.11 -16.20 -14.23
N HIS A 30 -42.95 -15.43 -15.30
CA HIS A 30 -42.47 -14.06 -15.17
C HIS A 30 -43.40 -13.20 -14.30
N HIS A 31 -44.63 -13.67 -14.12
CA HIS A 31 -45.58 -12.92 -13.31
C HIS A 31 -45.09 -12.86 -11.87
N LYS A 32 -44.30 -13.85 -11.47
CA LYS A 32 -43.76 -13.90 -10.12
C LYS A 32 -42.48 -13.10 -9.98
N ALA A 33 -42.14 -12.35 -11.02
CA ALA A 33 -40.94 -11.53 -11.03
C ALA A 33 -41.01 -10.47 -9.93
N THR A 34 -39.86 -10.02 -9.47
CA THR A 34 -39.79 -9.01 -8.42
C THR A 34 -39.97 -7.59 -8.94
N SER A 35 -39.34 -6.63 -8.26
CA SER A 35 -39.43 -5.23 -8.64
C SER A 35 -38.96 -4.97 -10.08
N ASP A 36 -38.42 -3.77 -10.30
CA ASP A 36 -37.92 -3.38 -11.62
C ASP A 36 -36.74 -4.24 -12.03
N PHE A 37 -36.35 -4.17 -13.29
CA PHE A 37 -35.24 -4.96 -13.79
C PHE A 37 -34.51 -4.37 -15.00
N THR A 38 -33.30 -3.88 -14.75
CA THR A 38 -32.44 -3.29 -15.78
C THR A 38 -33.15 -2.36 -16.76
N CYS A 39 -33.60 -2.92 -17.88
CA CYS A 39 -34.28 -2.18 -18.93
C CYS A 39 -35.32 -1.17 -18.44
N LYS A 40 -35.39 -0.03 -19.13
CA LYS A 40 -36.35 1.01 -18.79
C LYS A 40 -37.64 0.68 -19.55
N SER A 41 -38.05 1.62 -20.40
CA SER A 41 -39.24 1.47 -21.23
C SER A 41 -38.84 1.81 -22.66
N LYS A 42 -38.23 2.99 -22.83
CA LYS A 42 -37.79 3.45 -24.14
C LYS A 42 -36.41 2.90 -24.51
N SER A 43 -35.73 2.27 -23.56
CA SER A 43 -34.40 1.72 -23.82
C SER A 43 -34.12 0.40 -23.11
N CYS A 44 -33.34 -0.45 -23.76
CA CYS A 44 -32.97 -1.74 -23.21
C CYS A 44 -31.53 -1.65 -22.74
N LEU A 45 -31.25 -2.21 -21.56
CA LEU A 45 -29.91 -2.19 -20.99
C LEU A 45 -29.47 -3.65 -20.79
N GLY A 46 -29.95 -4.53 -21.67
CA GLY A 46 -29.64 -5.94 -21.58
C GLY A 46 -28.18 -6.36 -21.54
N SER A 47 -27.31 -5.62 -22.23
CA SER A 47 -25.89 -5.97 -22.28
C SER A 47 -25.05 -5.35 -21.15
N ILE A 48 -25.71 -4.80 -20.13
CA ILE A 48 -25.01 -4.21 -19.00
C ILE A 48 -24.60 -5.33 -18.05
N MET A 49 -23.31 -5.42 -17.77
CA MET A 49 -22.79 -6.47 -16.88
C MET A 49 -23.28 -6.42 -15.44
N ASN A 50 -23.17 -5.25 -14.81
CA ASN A 50 -23.58 -5.13 -13.42
C ASN A 50 -24.65 -4.07 -13.18
N PRO A 51 -25.89 -4.34 -13.63
CA PRO A 51 -27.00 -3.40 -13.42
C PRO A 51 -27.50 -3.47 -11.99
N LYS A 52 -28.05 -2.37 -11.49
CA LYS A 52 -28.57 -2.33 -10.13
C LYS A 52 -29.61 -3.41 -9.87
N SER A 53 -30.36 -3.76 -10.91
CA SER A 53 -31.40 -4.77 -10.78
C SER A 53 -30.85 -6.15 -10.36
N LEU A 54 -29.56 -6.35 -10.54
CA LEU A 54 -28.95 -7.62 -10.18
C LEU A 54 -28.03 -7.47 -8.97
N THR A 55 -28.06 -6.29 -8.35
CA THR A 55 -27.21 -6.01 -7.20
C THR A 55 -28.02 -5.74 -5.93
N ARG A 56 -27.58 -6.30 -4.82
CA ARG A 56 -28.23 -6.10 -3.53
C ARG A 56 -27.13 -5.53 -2.63
N GLY A 57 -27.20 -4.23 -2.40
CA GLY A 57 -26.21 -3.53 -1.60
C GLY A 57 -26.23 -3.72 -0.09
N PRO A 58 -25.41 -2.95 0.63
CA PRO A 58 -25.29 -3.01 2.09
C PRO A 58 -26.40 -2.26 2.82
N ARG A 59 -26.58 -2.60 4.09
CA ARG A 59 -27.58 -1.98 4.97
C ARG A 59 -26.88 -1.49 6.24
N ASP A 60 -27.58 -0.69 7.05
CA ASP A 60 -27.02 -0.20 8.31
C ASP A 60 -28.06 -0.38 9.40
N LYS A 61 -29.21 -0.92 9.00
CA LYS A 61 -30.31 -1.17 9.92
C LYS A 61 -30.97 -2.48 9.52
N PRO A 62 -31.62 -3.16 10.48
CA PRO A 62 -32.27 -4.43 10.16
C PRO A 62 -33.30 -4.19 9.08
N THR A 63 -33.86 -5.25 8.53
CA THR A 63 -34.87 -5.12 7.49
C THR A 63 -36.22 -4.78 8.14
N PRO A 64 -36.91 -3.74 7.63
CA PRO A 64 -38.20 -3.35 8.18
C PRO A 64 -39.15 -4.55 8.22
N LEU A 65 -39.77 -4.77 9.37
CA LEU A 65 -40.68 -5.89 9.55
C LEU A 65 -41.83 -5.93 8.56
N GLU A 66 -42.27 -4.75 8.11
CA GLU A 66 -43.37 -4.70 7.15
C GLU A 66 -42.96 -5.36 5.84
N GLU A 67 -41.66 -5.35 5.56
CA GLU A 67 -41.15 -5.96 4.34
C GLU A 67 -40.77 -7.41 4.57
N LEU A 68 -40.08 -7.68 5.68
CA LEU A 68 -39.63 -9.02 6.01
C LEU A 68 -40.76 -10.05 6.14
N LEU A 69 -41.72 -9.78 6.99
CA LEU A 69 -42.83 -10.71 7.20
C LEU A 69 -43.48 -11.22 5.93
N PRO A 70 -43.91 -10.32 5.02
CA PRO A 70 -44.55 -10.75 3.78
C PRO A 70 -43.66 -11.70 2.99
N HIS A 71 -42.38 -11.35 2.85
CA HIS A 71 -41.45 -12.19 2.11
C HIS A 71 -41.25 -13.53 2.81
N ALA A 72 -41.16 -13.52 4.13
CA ALA A 72 -40.99 -14.74 4.90
C ALA A 72 -42.16 -15.68 4.64
N ILE A 73 -43.37 -15.14 4.71
CA ILE A 73 -44.57 -15.92 4.48
C ILE A 73 -44.55 -16.50 3.07
N GLU A 74 -44.18 -15.68 2.09
CA GLU A 74 -44.12 -16.11 0.70
C GLU A 74 -43.17 -17.30 0.53
N PHE A 75 -41.97 -17.18 1.09
CA PHE A 75 -41.00 -18.26 0.98
C PHE A 75 -41.50 -19.53 1.63
N ILE A 76 -42.04 -19.41 2.83
CA ILE A 76 -42.55 -20.57 3.53
C ILE A 76 -43.61 -21.26 2.69
N ASN A 77 -44.49 -20.48 2.07
CA ASN A 77 -45.53 -21.05 1.23
C ASN A 77 -44.93 -21.76 0.03
N GLN A 78 -43.87 -21.19 -0.53
CA GLN A 78 -43.20 -21.80 -1.66
C GLN A 78 -42.56 -23.12 -1.24
N TYR A 79 -41.92 -23.12 -0.07
CA TYR A 79 -41.26 -24.31 0.43
C TYR A 79 -42.23 -25.48 0.60
N TYR A 80 -43.29 -25.27 1.38
CA TYR A 80 -44.27 -26.33 1.61
C TYR A 80 -45.06 -26.67 0.34
N GLY A 81 -45.13 -25.72 -0.58
CA GLY A 81 -45.82 -25.96 -1.82
C GLY A 81 -45.04 -26.89 -2.73
N SER A 82 -43.73 -26.97 -2.52
CA SER A 82 -42.87 -27.81 -3.35
C SER A 82 -43.00 -29.32 -3.09
N PHE A 83 -43.56 -29.68 -1.95
CA PHE A 83 -43.72 -31.10 -1.62
C PHE A 83 -44.75 -31.78 -2.51
N LYS A 84 -44.46 -33.00 -2.93
CA LYS A 84 -45.39 -33.74 -3.79
C LYS A 84 -46.62 -34.10 -2.97
N GLU A 85 -46.39 -34.45 -1.71
CA GLU A 85 -47.47 -34.79 -0.79
C GLU A 85 -47.49 -33.76 0.31
N ALA A 86 -48.37 -32.77 0.16
CA ALA A 86 -48.51 -31.67 1.10
C ALA A 86 -48.53 -32.06 2.57
N LYS A 87 -48.26 -31.08 3.42
CA LYS A 87 -48.24 -31.22 4.86
C LYS A 87 -48.73 -29.91 5.47
N ILE A 88 -50.03 -29.66 5.30
CA ILE A 88 -50.66 -28.44 5.79
C ILE A 88 -50.42 -28.16 7.26
N GLU A 89 -50.41 -29.20 8.08
CA GLU A 89 -50.20 -29.03 9.51
C GLU A 89 -48.82 -28.45 9.78
N GLU A 90 -47.81 -29.02 9.15
CA GLU A 90 -46.44 -28.53 9.32
C GLU A 90 -46.38 -27.13 8.73
N HIS A 91 -46.98 -26.98 7.55
CA HIS A 91 -47.01 -25.72 6.84
C HIS A 91 -47.59 -24.62 7.73
N LEU A 92 -48.75 -24.90 8.32
CA LEU A 92 -49.41 -23.94 9.21
C LEU A 92 -48.57 -23.69 10.45
N ALA A 93 -48.03 -24.76 11.03
CA ALA A 93 -47.20 -24.64 12.21
C ALA A 93 -45.99 -23.75 11.93
N ARG A 94 -45.30 -24.02 10.82
CA ARG A 94 -44.13 -23.25 10.46
C ARG A 94 -44.48 -21.78 10.23
N LEU A 95 -45.58 -21.53 9.53
CA LEU A 95 -46.01 -20.16 9.28
C LEU A 95 -46.12 -19.38 10.59
N GLU A 96 -46.74 -20.00 11.58
CA GLU A 96 -46.91 -19.36 12.89
C GLU A 96 -45.58 -19.18 13.62
N ALA A 97 -44.76 -20.22 13.59
CA ALA A 97 -43.46 -20.17 14.25
C ALA A 97 -42.59 -19.05 13.70
N VAL A 98 -42.59 -18.89 12.38
CA VAL A 98 -41.78 -17.85 11.74
C VAL A 98 -42.27 -16.46 12.17
N THR A 99 -43.58 -16.26 12.16
CA THR A 99 -44.16 -14.98 12.56
C THR A 99 -43.72 -14.62 13.98
N LYS A 100 -43.93 -15.56 14.90
CA LYS A 100 -43.56 -15.36 16.30
C LYS A 100 -42.09 -15.02 16.44
N GLU A 101 -41.25 -15.73 15.70
CA GLU A 101 -39.82 -15.50 15.76
C GLU A 101 -39.53 -14.07 15.29
N ILE A 102 -40.21 -13.66 14.22
CA ILE A 102 -40.01 -12.32 13.67
C ILE A 102 -40.42 -11.26 14.69
N GLU A 103 -41.53 -11.50 15.39
CA GLU A 103 -42.00 -10.54 16.39
C GLU A 103 -41.08 -10.49 17.60
N THR A 104 -40.64 -11.65 18.07
CA THR A 104 -39.78 -11.72 19.24
C THR A 104 -38.31 -11.43 18.99
N THR A 105 -37.83 -11.64 17.76
CA THR A 105 -36.42 -11.40 17.48
C THR A 105 -36.16 -10.36 16.40
N GLY A 106 -37.18 -10.07 15.60
CA GLY A 106 -37.01 -9.09 14.53
C GLY A 106 -36.37 -9.71 13.31
N THR A 107 -36.52 -11.03 13.18
CA THR A 107 -35.97 -11.78 12.05
C THR A 107 -36.28 -13.25 12.32
N TYR A 108 -35.72 -14.15 11.52
CA TYR A 108 -35.95 -15.57 11.75
C TYR A 108 -34.86 -16.43 11.13
N GLN A 109 -34.80 -17.68 11.58
CA GLN A 109 -33.81 -18.63 11.09
C GLN A 109 -34.49 -19.67 10.23
N LEU A 110 -33.87 -20.02 9.11
CA LEU A 110 -34.43 -21.04 8.23
C LEU A 110 -33.98 -22.40 8.77
N THR A 111 -34.75 -23.44 8.47
CA THR A 111 -34.37 -24.77 8.87
C THR A 111 -33.31 -25.17 7.82
N LEU A 112 -32.50 -26.16 8.14
CA LEU A 112 -31.47 -26.60 7.18
C LEU A 112 -32.19 -26.99 5.90
N ASP A 113 -33.32 -27.66 6.07
CA ASP A 113 -34.14 -28.12 4.96
C ASP A 113 -34.59 -26.97 4.06
N GLU A 114 -35.06 -25.89 4.66
CA GLU A 114 -35.50 -24.73 3.91
C GLU A 114 -34.31 -24.07 3.24
N LEU A 115 -33.16 -24.09 3.92
CA LEU A 115 -31.95 -23.49 3.38
C LEU A 115 -31.51 -24.27 2.15
N ILE A 116 -31.53 -25.59 2.26
CA ILE A 116 -31.14 -26.44 1.14
C ILE A 116 -32.05 -26.12 -0.04
N PHE A 117 -33.35 -26.02 0.25
CA PHE A 117 -34.34 -25.71 -0.78
C PHE A 117 -34.05 -24.35 -1.43
N ALA A 118 -33.71 -23.37 -0.60
CA ALA A 118 -33.43 -22.02 -1.06
C ALA A 118 -32.19 -21.88 -1.92
N THR A 119 -31.14 -22.63 -1.60
CA THR A 119 -29.91 -22.56 -2.38
C THR A 119 -30.12 -23.16 -3.77
N LYS A 120 -30.90 -24.23 -3.82
CA LYS A 120 -31.19 -24.88 -5.09
C LYS A 120 -32.13 -24.03 -5.95
N MET A 121 -33.14 -23.45 -5.32
CA MET A 121 -34.09 -22.61 -6.05
C MET A 121 -33.36 -21.38 -6.57
N ALA A 122 -32.48 -20.81 -5.75
CA ALA A 122 -31.73 -19.64 -6.17
C ALA A 122 -30.89 -19.99 -7.41
N TRP A 123 -30.32 -21.19 -7.41
CA TRP A 123 -29.51 -21.65 -8.53
C TRP A 123 -30.45 -21.81 -9.73
N ARG A 124 -31.57 -22.47 -9.49
CA ARG A 124 -32.58 -22.69 -10.50
C ARG A 124 -33.01 -21.35 -11.10
N ASN A 125 -32.96 -20.30 -10.28
CA ASN A 125 -33.36 -18.96 -10.70
C ASN A 125 -32.21 -18.07 -11.22
N ALA A 126 -31.02 -18.63 -11.41
CA ALA A 126 -29.90 -17.83 -11.92
C ALA A 126 -30.02 -17.73 -13.44
N PRO A 127 -30.43 -16.55 -13.95
CA PRO A 127 -30.60 -16.34 -15.39
C PRO A 127 -29.35 -16.52 -16.23
N ARG A 128 -28.19 -16.27 -15.65
CA ARG A 128 -26.94 -16.37 -16.37
C ARG A 128 -26.22 -17.71 -16.29
N CYS A 129 -26.84 -18.70 -15.63
CA CYS A 129 -26.22 -20.03 -15.49
C CYS A 129 -26.72 -21.06 -16.49
N ILE A 130 -25.79 -21.60 -17.28
CA ILE A 130 -26.12 -22.59 -18.31
C ILE A 130 -26.10 -24.02 -17.79
N GLY A 131 -25.61 -24.24 -16.58
CA GLY A 131 -25.56 -25.59 -16.04
C GLY A 131 -26.69 -25.95 -15.11
N ARG A 132 -27.77 -25.19 -15.16
CA ARG A 132 -28.92 -25.42 -14.28
C ARG A 132 -29.67 -26.74 -14.37
N ILE A 133 -29.31 -27.62 -15.29
CA ILE A 133 -30.02 -28.88 -15.34
C ILE A 133 -29.59 -29.70 -14.11
N GLN A 134 -28.50 -29.26 -13.50
CA GLN A 134 -27.94 -29.90 -12.31
C GLN A 134 -28.46 -29.28 -11.00
N TRP A 135 -29.34 -28.29 -11.13
CA TRP A 135 -29.87 -27.54 -9.97
C TRP A 135 -30.25 -28.28 -8.70
N SER A 136 -30.74 -29.51 -8.81
CA SER A 136 -31.14 -30.25 -7.61
C SER A 136 -29.97 -31.03 -7.01
N ASN A 137 -28.84 -31.02 -7.68
CA ASN A 137 -27.66 -31.75 -7.19
C ASN A 137 -26.67 -30.74 -6.59
N LEU A 138 -26.89 -30.40 -5.32
CA LEU A 138 -26.04 -29.43 -4.64
C LEU A 138 -25.85 -29.76 -3.17
N GLN A 139 -24.58 -29.90 -2.77
CA GLN A 139 -24.23 -30.19 -1.39
C GLN A 139 -24.26 -28.87 -0.64
N VAL A 140 -24.91 -28.85 0.53
CA VAL A 140 -25.00 -27.64 1.30
C VAL A 140 -24.23 -27.72 2.62
N PHE A 141 -23.34 -26.76 2.84
CA PHE A 141 -22.57 -26.72 4.07
C PHE A 141 -23.11 -25.57 4.93
N ASP A 142 -23.67 -25.92 6.08
CA ASP A 142 -24.25 -24.94 6.98
C ASP A 142 -23.23 -24.35 7.95
N ALA A 143 -22.79 -23.13 7.65
CA ALA A 143 -21.82 -22.45 8.51
C ALA A 143 -22.45 -21.19 9.11
N ARG A 144 -23.78 -21.23 9.28
CA ARG A 144 -24.49 -20.08 9.83
C ARG A 144 -24.17 -19.79 11.29
N ASN A 145 -23.36 -20.65 11.90
CA ASN A 145 -22.96 -20.49 13.29
C ASN A 145 -21.51 -20.03 13.33
N CYS A 146 -20.96 -19.71 12.16
CA CYS A 146 -19.57 -19.26 12.09
C CYS A 146 -19.41 -17.96 12.85
N SER A 147 -18.24 -17.76 13.44
CA SER A 147 -18.01 -16.55 14.23
C SER A 147 -16.76 -15.74 13.93
N THR A 148 -15.66 -16.41 13.58
CA THR A 148 -14.42 -15.70 13.29
C THR A 148 -13.95 -15.95 11.87
N ALA A 149 -12.93 -15.20 11.46
CA ALA A 149 -12.38 -15.33 10.13
C ALA A 149 -11.72 -16.70 10.00
N GLN A 150 -11.00 -17.09 11.05
CA GLN A 150 -10.32 -18.37 11.09
C GLN A 150 -11.30 -19.49 10.80
N GLU A 151 -12.50 -19.40 11.39
CA GLU A 151 -13.51 -20.41 11.17
C GLU A 151 -14.02 -20.35 9.74
N MET A 152 -14.08 -19.14 9.18
CA MET A 152 -14.53 -18.97 7.80
C MET A 152 -13.56 -19.71 6.91
N PHE A 153 -12.28 -19.49 7.19
CA PHE A 153 -11.18 -20.10 6.44
C PHE A 153 -11.26 -21.62 6.48
N GLN A 154 -11.52 -22.16 7.66
CA GLN A 154 -11.63 -23.61 7.81
C GLN A 154 -12.80 -24.15 7.01
N HIS A 155 -13.96 -23.49 7.11
CA HIS A 155 -15.14 -23.93 6.37
C HIS A 155 -14.86 -23.91 4.86
N ILE A 156 -14.21 -22.85 4.40
CA ILE A 156 -13.89 -22.70 3.00
C ILE A 156 -12.91 -23.78 2.52
N CYS A 157 -11.93 -24.12 3.34
CA CYS A 157 -10.97 -25.15 2.97
C CYS A 157 -11.71 -26.48 2.85
N ARG A 158 -12.68 -26.71 3.73
CA ARG A 158 -13.46 -27.94 3.71
C ARG A 158 -14.33 -27.98 2.45
N HIS A 159 -14.84 -26.83 2.04
CA HIS A 159 -15.68 -26.73 0.85
C HIS A 159 -14.82 -27.05 -0.37
N ILE A 160 -13.66 -26.40 -0.47
CA ILE A 160 -12.75 -26.62 -1.60
C ILE A 160 -12.36 -28.09 -1.72
N LEU A 161 -11.97 -28.70 -0.60
CA LEU A 161 -11.57 -30.10 -0.58
C LEU A 161 -12.71 -30.99 -1.06
N TYR A 162 -13.90 -30.81 -0.48
CA TYR A 162 -15.06 -31.60 -0.86
C TYR A 162 -15.42 -31.48 -2.34
N ALA A 163 -15.47 -30.25 -2.82
CA ALA A 163 -15.84 -29.96 -4.21
C ALA A 163 -14.83 -30.46 -5.25
N THR A 164 -13.56 -30.32 -4.94
CA THR A 164 -12.50 -30.74 -5.85
C THR A 164 -12.53 -32.26 -6.02
N ASN A 165 -12.67 -32.96 -4.90
CA ASN A 165 -12.75 -34.41 -4.91
C ASN A 165 -11.77 -35.07 -5.87
N ASN A 166 -10.52 -34.61 -5.85
CA ASN A 166 -9.47 -35.16 -6.69
C ASN A 166 -9.80 -35.18 -8.19
N GLY A 167 -10.55 -34.18 -8.65
CA GLY A 167 -10.87 -34.10 -10.06
C GLY A 167 -12.32 -34.43 -10.40
N ASN A 168 -12.96 -35.22 -9.55
CA ASN A 168 -14.35 -35.58 -9.76
C ASN A 168 -15.18 -34.52 -9.05
N ILE A 169 -15.23 -33.34 -9.67
CA ILE A 169 -15.93 -32.18 -9.13
C ILE A 169 -17.38 -32.38 -8.70
N ARG A 170 -17.70 -31.83 -7.53
CA ARG A 170 -19.04 -31.90 -6.97
C ARG A 170 -19.51 -30.47 -6.66
N SER A 171 -20.77 -30.17 -6.95
CA SER A 171 -21.32 -28.85 -6.70
C SER A 171 -21.62 -28.67 -5.23
N ALA A 172 -21.19 -27.55 -4.66
CA ALA A 172 -21.42 -27.28 -3.25
C ALA A 172 -21.52 -25.80 -2.95
N ILE A 173 -22.16 -25.48 -1.83
CA ILE A 173 -22.30 -24.10 -1.40
C ILE A 173 -22.14 -24.04 0.12
N THR A 174 -21.43 -23.02 0.60
CA THR A 174 -21.24 -22.85 2.03
C THR A 174 -21.96 -21.58 2.46
N VAL A 175 -22.89 -21.72 3.39
CA VAL A 175 -23.66 -20.57 3.86
C VAL A 175 -23.21 -20.05 5.21
N PHE A 176 -22.71 -18.82 5.23
CA PHE A 176 -22.28 -18.19 6.46
C PHE A 176 -23.45 -17.44 7.08
N PRO A 177 -23.26 -16.84 8.28
CA PRO A 177 -24.35 -16.11 8.94
C PRO A 177 -25.05 -15.05 8.09
N GLN A 178 -26.37 -15.03 8.18
CA GLN A 178 -27.18 -14.08 7.45
C GLN A 178 -26.95 -12.67 7.97
N ARG A 179 -27.20 -11.69 7.13
CA ARG A 179 -27.03 -10.30 7.50
C ARG A 179 -27.98 -9.96 8.65
N SER A 180 -27.45 -9.34 9.70
CA SER A 180 -28.28 -8.97 10.84
C SER A 180 -28.70 -7.51 10.73
N ASP A 181 -27.83 -6.62 11.20
CA ASP A 181 -28.11 -5.19 11.15
C ASP A 181 -27.39 -4.57 9.95
N GLY A 182 -26.56 -5.37 9.30
CA GLY A 182 -25.82 -4.89 8.15
C GLY A 182 -24.47 -4.33 8.54
N LYS A 183 -24.20 -4.31 9.85
CA LYS A 183 -22.94 -3.79 10.35
C LYS A 183 -22.02 -4.94 10.75
N HIS A 184 -22.55 -6.16 10.65
CA HIS A 184 -21.79 -7.36 11.03
C HIS A 184 -21.77 -8.38 9.90
N ASP A 185 -21.64 -7.88 8.67
CA ASP A 185 -21.64 -8.74 7.51
C ASP A 185 -20.42 -9.65 7.36
N PHE A 186 -20.69 -10.88 6.94
CA PHE A 186 -19.63 -11.84 6.64
C PHE A 186 -19.47 -11.64 5.14
N ARG A 187 -18.24 -11.43 4.69
CA ARG A 187 -18.00 -11.21 3.27
C ARG A 187 -16.66 -11.79 2.81
N LEU A 188 -16.63 -12.32 1.59
CA LEU A 188 -15.39 -12.81 1.01
C LEU A 188 -15.06 -11.71 0.01
N TRP A 189 -13.93 -11.05 0.22
CA TRP A 189 -13.52 -9.96 -0.65
C TRP A 189 -13.05 -10.43 -2.02
N ASN A 190 -12.77 -11.74 -2.13
CA ASN A 190 -12.34 -12.31 -3.40
C ASN A 190 -13.57 -12.39 -4.32
N SER A 191 -13.35 -12.54 -5.62
CA SER A 191 -14.44 -12.67 -6.58
C SER A 191 -14.74 -14.16 -6.74
N GLN A 192 -13.67 -14.95 -6.79
CA GLN A 192 -13.77 -16.41 -6.90
C GLN A 192 -12.90 -16.99 -5.78
N LEU A 193 -13.22 -18.19 -5.34
CA LEU A 193 -12.42 -18.81 -4.28
C LEU A 193 -10.98 -19.00 -4.77
N ILE A 194 -10.84 -19.49 -6.00
CA ILE A 194 -9.54 -19.72 -6.60
C ILE A 194 -9.39 -18.80 -7.80
N ARG A 195 -8.35 -17.97 -7.79
CA ARG A 195 -8.09 -17.02 -8.86
C ARG A 195 -6.60 -16.69 -8.81
N TYR A 196 -6.00 -16.42 -9.98
CA TYR A 196 -4.59 -16.10 -10.04
C TYR A 196 -4.31 -14.61 -9.91
N ALA A 197 -3.15 -14.29 -9.35
CA ALA A 197 -2.76 -12.90 -9.16
C ALA A 197 -2.22 -12.29 -10.44
N GLY A 198 -2.14 -10.97 -10.45
CA GLY A 198 -1.62 -10.25 -11.60
C GLY A 198 -0.70 -9.19 -11.03
N TYR A 199 0.48 -9.02 -11.62
CA TYR A 199 1.43 -8.04 -11.13
C TYR A 199 1.99 -7.16 -12.24
N GLN A 200 2.31 -5.91 -11.90
CA GLN A 200 2.92 -5.04 -12.89
C GLN A 200 4.40 -5.07 -12.52
N MET A 201 5.20 -5.68 -13.38
CA MET A 201 6.64 -5.81 -13.14
C MET A 201 7.39 -4.50 -13.28
N PRO A 202 8.64 -4.46 -12.80
CA PRO A 202 9.46 -3.25 -12.89
C PRO A 202 9.66 -2.79 -14.33
N ASP A 203 9.78 -3.73 -15.25
CA ASP A 203 9.98 -3.37 -16.66
C ASP A 203 8.69 -2.89 -17.31
N GLY A 204 7.64 -2.74 -16.50
CA GLY A 204 6.37 -2.25 -17.02
C GLY A 204 5.42 -3.28 -17.61
N THR A 205 5.86 -4.53 -17.77
CA THR A 205 4.98 -5.55 -18.33
C THR A 205 4.06 -6.10 -17.24
N ILE A 206 3.00 -6.76 -17.66
CA ILE A 206 2.05 -7.36 -16.72
C ILE A 206 2.29 -8.86 -16.69
N ARG A 207 2.34 -9.42 -15.48
CA ARG A 207 2.53 -10.84 -15.31
C ARG A 207 1.34 -11.43 -14.58
N GLY A 208 0.84 -12.57 -15.06
CA GLY A 208 -0.30 -13.20 -14.42
C GLY A 208 -1.63 -12.72 -14.99
N ASP A 209 -2.68 -12.77 -14.16
CA ASP A 209 -4.01 -12.35 -14.58
C ASP A 209 -4.19 -10.85 -14.49
N ALA A 210 -3.98 -10.17 -15.61
CA ALA A 210 -4.10 -8.71 -15.67
C ALA A 210 -5.37 -8.15 -15.04
N ALA A 211 -6.42 -8.96 -15.02
CA ALA A 211 -7.69 -8.51 -14.46
C ALA A 211 -7.69 -8.43 -12.94
N THR A 212 -6.70 -9.04 -12.28
CA THR A 212 -6.66 -8.99 -10.82
C THR A 212 -5.56 -8.08 -10.29
N LEU A 213 -5.08 -7.15 -11.12
CA LEU A 213 -4.02 -6.24 -10.69
C LEU A 213 -4.36 -5.47 -9.42
N GLU A 214 -5.53 -4.86 -9.40
CA GLU A 214 -5.94 -4.08 -8.24
C GLU A 214 -6.14 -4.96 -7.02
N PHE A 215 -6.91 -6.02 -7.17
CA PHE A 215 -7.17 -6.91 -6.05
C PHE A 215 -5.87 -7.53 -5.53
N THR A 216 -4.93 -7.80 -6.43
CA THR A 216 -3.66 -8.37 -6.01
C THR A 216 -2.95 -7.34 -5.13
N GLN A 217 -2.97 -6.08 -5.56
CA GLN A 217 -2.33 -5.03 -4.80
C GLN A 217 -2.98 -4.91 -3.42
N LEU A 218 -4.29 -5.10 -3.37
CA LEU A 218 -5.02 -5.03 -2.11
C LEU A 218 -4.54 -6.11 -1.15
N CYS A 219 -4.43 -7.34 -1.65
CA CYS A 219 -3.97 -8.45 -0.84
C CYS A 219 -2.57 -8.13 -0.32
N ILE A 220 -1.76 -7.54 -1.18
CA ILE A 220 -0.40 -7.17 -0.81
C ILE A 220 -0.46 -6.10 0.27
N ASP A 221 -1.32 -5.10 0.08
CA ASP A 221 -1.44 -4.03 1.06
C ASP A 221 -1.84 -4.60 2.42
N LEU A 222 -2.59 -5.70 2.39
CA LEU A 222 -3.05 -6.33 3.62
C LEU A 222 -2.02 -7.28 4.22
N GLY A 223 -0.82 -7.29 3.65
CA GLY A 223 0.22 -8.15 4.19
C GLY A 223 0.58 -9.39 3.41
N TRP A 224 -0.19 -9.73 2.38
CA TRP A 224 0.12 -10.91 1.59
C TRP A 224 1.46 -10.74 0.89
N LYS A 225 2.24 -11.82 0.82
CA LYS A 225 3.53 -11.77 0.17
C LYS A 225 3.42 -12.10 -1.32
N PRO A 226 3.69 -11.13 -2.19
CA PRO A 226 3.62 -11.34 -3.65
C PRO A 226 4.69 -12.34 -4.07
N ARG A 227 4.35 -13.22 -5.01
CA ARG A 227 5.30 -14.22 -5.48
C ARG A 227 5.77 -13.96 -6.91
N TYR A 228 5.18 -12.94 -7.54
CA TYR A 228 5.54 -12.55 -8.90
C TYR A 228 5.56 -13.67 -9.93
N GLY A 229 4.62 -14.60 -9.81
CA GLY A 229 4.55 -15.70 -10.75
C GLY A 229 3.42 -15.45 -11.74
N ARG A 230 3.31 -16.31 -12.75
CA ARG A 230 2.27 -16.16 -13.75
C ARG A 230 0.96 -16.77 -13.27
N PHE A 231 1.05 -17.74 -12.36
CA PHE A 231 -0.14 -18.41 -11.85
C PHE A 231 -0.12 -18.56 -10.32
N ASP A 232 0.00 -17.44 -9.62
CA ASP A 232 0.01 -17.46 -8.16
C ASP A 232 -1.41 -17.39 -7.65
N VAL A 233 -1.83 -18.42 -6.91
CA VAL A 233 -3.18 -18.44 -6.36
C VAL A 233 -3.30 -17.34 -5.33
N LEU A 234 -4.28 -16.45 -5.52
CA LEU A 234 -4.51 -15.35 -4.60
C LEU A 234 -4.97 -15.90 -3.25
N PRO A 235 -4.73 -15.13 -2.17
CA PRO A 235 -5.14 -15.58 -0.85
C PRO A 235 -6.60 -15.25 -0.60
N LEU A 236 -7.20 -15.89 0.39
CA LEU A 236 -8.58 -15.61 0.75
C LEU A 236 -8.57 -14.38 1.66
N VAL A 237 -9.41 -13.41 1.33
CA VAL A 237 -9.51 -12.18 2.11
C VAL A 237 -10.86 -12.30 2.78
N LEU A 238 -10.85 -12.68 4.05
CA LEU A 238 -12.09 -12.91 4.78
C LEU A 238 -12.50 -11.91 5.84
N GLN A 239 -13.74 -11.45 5.71
CA GLN A 239 -14.34 -10.50 6.62
C GLN A 239 -15.41 -11.24 7.40
N ALA A 240 -15.23 -11.33 8.71
CA ALA A 240 -16.19 -12.02 9.55
C ALA A 240 -16.84 -11.04 10.53
N ASP A 241 -18.15 -11.20 10.71
CA ASP A 241 -18.92 -10.37 11.64
C ASP A 241 -18.64 -8.87 11.54
N GLY A 242 -18.58 -8.36 10.32
CA GLY A 242 -18.35 -6.93 10.10
C GLY A 242 -16.97 -6.40 10.38
N GLN A 243 -16.06 -7.26 10.82
CA GLN A 243 -14.71 -6.84 11.13
C GLN A 243 -13.80 -6.78 9.91
N ASP A 244 -12.73 -6.01 10.02
CA ASP A 244 -11.76 -5.86 8.93
C ASP A 244 -11.34 -7.22 8.40
N PRO A 245 -11.12 -7.32 7.08
CA PRO A 245 -10.71 -8.58 6.45
C PRO A 245 -9.32 -9.06 6.85
N GLU A 246 -9.15 -10.38 6.91
CA GLU A 246 -7.88 -10.98 7.26
C GLU A 246 -7.45 -11.87 6.11
N VAL A 247 -6.18 -11.82 5.76
CA VAL A 247 -5.63 -12.61 4.67
C VAL A 247 -5.26 -14.03 5.08
N PHE A 248 -5.69 -15.00 4.29
CA PHE A 248 -5.40 -16.42 4.54
C PHE A 248 -4.93 -17.06 3.24
N GLU A 249 -3.70 -17.56 3.19
CA GLU A 249 -3.23 -18.22 1.99
C GLU A 249 -3.95 -19.56 1.88
N ILE A 250 -4.32 -19.94 0.67
CA ILE A 250 -5.01 -21.21 0.50
C ILE A 250 -3.95 -22.32 0.51
N PRO A 251 -4.17 -23.37 1.32
CA PRO A 251 -3.18 -24.45 1.35
C PRO A 251 -3.07 -25.04 -0.06
N PRO A 252 -1.85 -25.00 -0.63
CA PRO A 252 -1.57 -25.50 -1.98
C PRO A 252 -2.08 -26.91 -2.31
N ASP A 253 -2.11 -27.80 -1.32
CA ASP A 253 -2.59 -29.15 -1.57
C ASP A 253 -4.06 -29.15 -1.99
N LEU A 254 -4.80 -28.12 -1.58
CA LEU A 254 -6.22 -28.04 -1.91
C LEU A 254 -6.51 -27.50 -3.31
N VAL A 255 -5.51 -26.92 -3.95
CA VAL A 255 -5.70 -26.37 -5.28
C VAL A 255 -5.26 -27.32 -6.39
N LEU A 256 -6.23 -28.00 -7.00
CA LEU A 256 -5.94 -28.93 -8.07
C LEU A 256 -5.84 -28.13 -9.37
N GLU A 257 -4.77 -28.36 -10.12
CA GLU A 257 -4.56 -27.66 -11.37
C GLU A 257 -4.39 -28.63 -12.53
N VAL A 258 -4.56 -28.13 -13.75
CA VAL A 258 -4.43 -28.93 -14.95
C VAL A 258 -3.41 -28.27 -15.88
N THR A 259 -2.37 -29.02 -16.23
CA THR A 259 -1.34 -28.51 -17.13
C THR A 259 -1.91 -28.58 -18.55
N MET A 260 -1.81 -27.49 -19.29
CA MET A 260 -2.36 -27.44 -20.63
C MET A 260 -1.52 -28.09 -21.72
N GLU A 261 -2.11 -29.08 -22.39
CA GLU A 261 -1.47 -29.80 -23.47
C GLU A 261 -2.42 -29.91 -24.65
N HIS A 262 -1.85 -30.06 -25.84
CA HIS A 262 -2.65 -30.24 -27.05
C HIS A 262 -2.40 -31.66 -27.54
N PRO A 263 -3.45 -32.36 -27.97
CA PRO A 263 -3.30 -33.73 -28.45
C PRO A 263 -2.42 -33.92 -29.70
N LYS A 264 -2.07 -32.84 -30.37
CA LYS A 264 -1.23 -32.94 -31.56
C LYS A 264 -0.02 -32.03 -31.52
N TYR A 265 -0.24 -30.76 -31.18
CA TYR A 265 0.82 -29.78 -31.10
C TYR A 265 1.66 -29.98 -29.84
N GLU A 266 2.82 -30.62 -29.98
CA GLU A 266 3.68 -30.85 -28.83
C GLU A 266 4.20 -29.55 -28.23
N TRP A 267 4.25 -28.51 -29.06
CA TRP A 267 4.74 -27.22 -28.61
C TRP A 267 3.74 -26.48 -27.72
N PHE A 268 2.50 -26.98 -27.64
CA PHE A 268 1.50 -26.30 -26.82
C PHE A 268 1.92 -26.28 -25.35
N GLN A 269 2.40 -27.42 -24.84
CA GLN A 269 2.84 -27.50 -23.45
C GLN A 269 3.97 -26.52 -23.21
N GLU A 270 4.71 -26.21 -24.26
CA GLU A 270 5.83 -25.27 -24.19
C GLU A 270 5.35 -23.87 -23.85
N LEU A 271 4.05 -23.64 -23.92
CA LEU A 271 3.50 -22.34 -23.60
C LEU A 271 3.51 -22.14 -22.09
N GLY A 272 3.71 -23.23 -21.36
CA GLY A 272 3.75 -23.16 -19.91
C GLY A 272 2.45 -22.71 -19.27
N LEU A 273 1.33 -23.15 -19.84
CA LEU A 273 0.03 -22.77 -19.33
C LEU A 273 -0.63 -23.85 -18.48
N LYS A 274 -1.51 -23.41 -17.60
CA LYS A 274 -2.28 -24.30 -16.74
C LYS A 274 -3.44 -23.49 -16.20
N TRP A 275 -4.38 -24.17 -15.56
CA TRP A 275 -5.50 -23.50 -14.94
C TRP A 275 -6.00 -24.37 -13.81
N TYR A 276 -6.76 -23.78 -12.90
CA TYR A 276 -7.28 -24.56 -11.79
C TYR A 276 -8.54 -25.29 -12.19
N ALA A 277 -8.86 -26.34 -11.45
CA ALA A 277 -10.03 -27.16 -11.75
C ALA A 277 -11.34 -26.67 -11.15
N LEU A 278 -11.25 -25.83 -10.13
CA LEU A 278 -12.45 -25.38 -9.42
C LEU A 278 -12.97 -23.97 -9.62
N PRO A 279 -14.12 -23.83 -10.32
CA PRO A 279 -14.74 -22.51 -10.56
C PRO A 279 -15.73 -22.27 -9.41
N ALA A 280 -15.47 -21.25 -8.60
CA ALA A 280 -16.33 -20.97 -7.46
C ALA A 280 -16.54 -19.48 -7.23
N VAL A 281 -17.81 -19.08 -7.16
CA VAL A 281 -18.17 -17.69 -6.94
C VAL A 281 -18.04 -17.42 -5.45
N ALA A 282 -17.30 -16.38 -5.09
CA ALA A 282 -17.08 -16.06 -3.68
C ALA A 282 -17.76 -14.81 -3.17
N ASN A 283 -18.16 -13.92 -4.07
CA ASN A 283 -18.73 -12.64 -3.67
C ASN A 283 -20.21 -12.34 -3.88
N MET A 284 -21.04 -13.35 -4.11
CA MET A 284 -22.45 -13.06 -4.31
C MET A 284 -23.27 -13.20 -3.04
N LEU A 285 -24.52 -12.74 -3.11
CA LEU A 285 -25.42 -12.77 -1.97
C LEU A 285 -26.67 -13.57 -2.25
N LEU A 286 -27.03 -14.42 -1.29
CA LEU A 286 -28.21 -15.26 -1.39
C LEU A 286 -29.38 -14.55 -0.69
N GLU A 287 -30.44 -14.32 -1.43
CA GLU A 287 -31.64 -13.66 -0.93
C GLU A 287 -32.75 -14.69 -0.89
N VAL A 288 -33.41 -14.82 0.26
CA VAL A 288 -34.50 -15.76 0.41
C VAL A 288 -35.41 -15.38 1.57
N GLY A 289 -36.70 -15.43 1.32
CA GLY A 289 -37.70 -15.10 2.33
C GLY A 289 -37.40 -13.86 3.15
N GLY A 290 -36.87 -12.83 2.51
CA GLY A 290 -36.58 -11.60 3.24
C GLY A 290 -35.21 -11.55 3.87
N LEU A 291 -34.55 -12.70 3.93
CA LEU A 291 -33.21 -12.78 4.51
C LEU A 291 -32.13 -12.57 3.45
N GLU A 292 -30.95 -12.17 3.89
CA GLU A 292 -29.82 -11.92 3.01
C GLU A 292 -28.54 -12.56 3.53
N PHE A 293 -27.89 -13.35 2.69
CA PHE A 293 -26.65 -13.99 3.07
C PHE A 293 -25.53 -13.42 2.21
N PRO A 294 -24.81 -12.43 2.75
CA PRO A 294 -23.70 -11.75 2.06
C PRO A 294 -22.49 -12.64 1.81
N ALA A 295 -22.45 -13.79 2.45
CA ALA A 295 -21.33 -14.71 2.28
C ALA A 295 -21.85 -16.12 2.08
N CYS A 296 -21.73 -16.62 0.86
CA CYS A 296 -22.21 -17.96 0.51
C CYS A 296 -21.52 -18.44 -0.76
N PRO A 297 -20.22 -18.75 -0.67
CA PRO A 297 -19.51 -19.22 -1.86
C PRO A 297 -20.10 -20.52 -2.40
N PHE A 298 -20.15 -20.63 -3.73
CA PHE A 298 -20.67 -21.84 -4.34
C PHE A 298 -19.88 -22.19 -5.58
N ASN A 299 -19.93 -23.48 -5.94
CA ASN A 299 -19.20 -23.95 -7.11
C ASN A 299 -19.95 -25.05 -7.83
N GLY A 300 -19.53 -25.26 -9.07
CA GLY A 300 -20.05 -26.31 -9.92
C GLY A 300 -18.77 -26.74 -10.58
N TRP A 301 -18.80 -27.05 -11.87
CA TRP A 301 -17.59 -27.41 -12.60
C TRP A 301 -17.49 -26.51 -13.82
N TYR A 302 -16.34 -26.55 -14.47
CA TYR A 302 -16.07 -25.70 -15.63
C TYR A 302 -16.70 -26.09 -16.97
N MET A 303 -16.92 -25.08 -17.80
CA MET A 303 -17.37 -25.29 -19.16
C MET A 303 -16.08 -24.85 -19.86
N GLY A 304 -15.60 -25.67 -20.78
CA GLY A 304 -14.34 -25.38 -21.46
C GLY A 304 -14.04 -23.97 -21.96
N THR A 305 -15.04 -23.30 -22.53
CA THR A 305 -14.84 -21.95 -23.07
C THR A 305 -14.44 -20.89 -22.07
N GLU A 306 -14.85 -21.04 -20.81
CA GLU A 306 -14.50 -20.07 -19.78
C GLU A 306 -12.98 -19.89 -19.73
N ILE A 307 -12.27 -21.01 -19.81
CA ILE A 307 -10.81 -20.99 -19.77
C ILE A 307 -10.20 -20.79 -21.15
N GLY A 308 -10.54 -21.68 -22.07
CA GLY A 308 -10.00 -21.59 -23.40
C GLY A 308 -10.25 -20.30 -24.13
N VAL A 309 -11.43 -19.72 -23.92
CA VAL A 309 -11.77 -18.47 -24.60
C VAL A 309 -11.61 -17.19 -23.79
N ARG A 310 -12.28 -17.11 -22.64
CA ARG A 310 -12.21 -15.90 -21.84
C ARG A 310 -10.88 -15.71 -21.11
N ASP A 311 -10.54 -16.65 -20.23
CA ASP A 311 -9.29 -16.57 -19.47
C ASP A 311 -8.04 -16.45 -20.33
N PHE A 312 -7.92 -17.32 -21.34
CA PHE A 312 -6.75 -17.32 -22.21
C PHE A 312 -6.78 -16.35 -23.38
N CYS A 313 -7.94 -16.11 -23.96
CA CYS A 313 -7.99 -15.22 -25.13
C CYS A 313 -8.48 -13.79 -24.98
N ASP A 314 -9.06 -13.43 -23.84
CA ASP A 314 -9.47 -12.04 -23.66
C ASP A 314 -8.19 -11.22 -23.66
N THR A 315 -8.19 -10.10 -24.37
CA THR A 315 -7.00 -9.27 -24.42
C THR A 315 -6.66 -8.74 -23.02
N GLN A 316 -7.67 -8.53 -22.18
CA GLN A 316 -7.42 -8.02 -20.84
C GLN A 316 -7.20 -9.11 -19.79
N ARG A 317 -6.96 -10.34 -20.25
CA ARG A 317 -6.69 -11.46 -19.36
C ARG A 317 -5.31 -12.01 -19.74
N TYR A 318 -5.20 -13.29 -20.04
CA TYR A 318 -3.89 -13.85 -20.39
C TYR A 318 -3.45 -13.57 -21.82
N ASN A 319 -4.39 -13.14 -22.65
CA ASN A 319 -4.10 -12.74 -24.04
C ASN A 319 -3.07 -13.58 -24.79
N ILE A 320 -3.32 -14.88 -24.93
CA ILE A 320 -2.36 -15.75 -25.63
C ILE A 320 -2.70 -16.04 -27.10
N LEU A 321 -3.83 -15.51 -27.57
CA LEU A 321 -4.25 -15.78 -28.94
C LEU A 321 -3.19 -15.59 -30.04
N GLU A 322 -2.56 -14.43 -30.08
CA GLU A 322 -1.56 -14.17 -31.10
C GLU A 322 -0.40 -15.17 -31.06
N GLU A 323 0.10 -15.43 -29.86
CA GLU A 323 1.21 -16.36 -29.70
C GLU A 323 0.87 -17.74 -30.25
N VAL A 324 -0.35 -18.20 -30.00
CA VAL A 324 -0.77 -19.49 -30.50
C VAL A 324 -0.89 -19.41 -32.02
N GLY A 325 -1.30 -18.25 -32.51
CA GLY A 325 -1.42 -18.05 -33.94
C GLY A 325 -0.10 -18.31 -34.63
N ARG A 326 0.96 -17.65 -34.17
CA ARG A 326 2.30 -17.80 -34.74
C ARG A 326 2.78 -19.24 -34.67
N ARG A 327 2.56 -19.86 -33.51
CA ARG A 327 2.98 -21.25 -33.31
C ARG A 327 2.36 -22.14 -34.36
N MET A 328 1.12 -21.84 -34.75
CA MET A 328 0.43 -22.62 -35.77
C MET A 328 0.85 -22.12 -37.14
N GLY A 329 1.68 -21.07 -37.15
CA GLY A 329 2.15 -20.50 -38.40
C GLY A 329 1.05 -19.95 -39.27
N LEU A 330 0.15 -19.17 -38.67
CA LEU A 330 -0.98 -18.60 -39.39
C LEU A 330 -0.69 -17.14 -39.79
N GLU A 331 -1.50 -16.61 -40.69
CA GLU A 331 -1.34 -15.23 -41.14
C GLU A 331 -1.91 -14.33 -40.06
N THR A 332 -1.23 -14.27 -38.92
CA THR A 332 -1.67 -13.48 -37.78
C THR A 332 -1.69 -11.99 -38.05
N HIS A 333 -1.36 -11.59 -39.28
CA HIS A 333 -1.36 -10.18 -39.64
C HIS A 333 -2.47 -9.86 -40.63
N THR A 334 -3.33 -10.83 -40.87
CA THR A 334 -4.43 -10.65 -41.79
C THR A 334 -5.71 -11.20 -41.16
N LEU A 335 -6.50 -10.32 -40.58
CA LEU A 335 -7.76 -10.70 -39.94
C LEU A 335 -8.64 -11.60 -40.78
N ALA A 336 -8.81 -11.24 -42.06
CA ALA A 336 -9.66 -12.00 -42.97
C ALA A 336 -9.24 -13.45 -43.14
N SER A 337 -8.03 -13.80 -42.68
CA SER A 337 -7.56 -15.17 -42.81
C SER A 337 -8.31 -16.04 -41.80
N LEU A 338 -8.97 -15.37 -40.86
CA LEU A 338 -9.72 -16.03 -39.80
C LEU A 338 -8.78 -16.88 -38.94
N TRP A 339 -7.53 -16.43 -38.81
CA TRP A 339 -6.55 -17.16 -38.01
C TRP A 339 -6.98 -17.19 -36.55
N LYS A 340 -7.65 -16.14 -36.10
CA LYS A 340 -8.11 -16.11 -34.73
C LYS A 340 -9.09 -17.24 -34.47
N ASP A 341 -9.99 -17.51 -35.43
CA ASP A 341 -10.96 -18.58 -35.26
C ASP A 341 -10.27 -19.93 -35.16
N ARG A 342 -9.24 -20.13 -35.98
CA ARG A 342 -8.50 -21.39 -35.97
C ARG A 342 -7.70 -21.56 -34.67
N ALA A 343 -7.16 -20.45 -34.17
CA ALA A 343 -6.35 -20.50 -32.95
C ALA A 343 -7.21 -20.83 -31.73
N VAL A 344 -8.28 -20.09 -31.53
CA VAL A 344 -9.13 -20.32 -30.37
C VAL A 344 -9.70 -21.74 -30.34
N THR A 345 -9.93 -22.32 -31.52
CA THR A 345 -10.45 -23.68 -31.55
C THR A 345 -9.43 -24.66 -31.00
N GLU A 346 -8.17 -24.51 -31.40
CA GLU A 346 -7.12 -25.41 -30.93
C GLU A 346 -6.90 -25.22 -29.42
N ILE A 347 -7.07 -23.99 -28.94
CA ILE A 347 -6.92 -23.72 -27.52
C ILE A 347 -8.07 -24.40 -26.76
N ASN A 348 -9.28 -24.32 -27.31
CA ASN A 348 -10.43 -24.97 -26.66
C ASN A 348 -10.20 -26.48 -26.63
N VAL A 349 -9.61 -27.01 -27.70
CA VAL A 349 -9.32 -28.44 -27.77
C VAL A 349 -8.28 -28.80 -26.71
N ALA A 350 -7.30 -27.93 -26.52
CA ALA A 350 -6.24 -28.16 -25.53
C ALA A 350 -6.86 -28.26 -24.13
N VAL A 351 -7.68 -27.27 -23.79
CA VAL A 351 -8.33 -27.24 -22.48
C VAL A 351 -9.11 -28.52 -22.21
N LEU A 352 -9.98 -28.90 -23.14
CA LEU A 352 -10.78 -30.11 -22.97
C LEU A 352 -9.89 -31.35 -22.90
N HIS A 353 -8.94 -31.45 -23.83
CA HIS A 353 -8.03 -32.58 -23.85
C HIS A 353 -7.30 -32.72 -22.51
N SER A 354 -6.82 -31.61 -21.99
CA SER A 354 -6.07 -31.62 -20.73
C SER A 354 -6.91 -32.01 -19.52
N PHE A 355 -8.10 -31.43 -19.37
CA PHE A 355 -8.94 -31.78 -18.23
C PHE A 355 -9.28 -33.25 -18.31
N GLN A 356 -9.59 -33.72 -19.52
CA GLN A 356 -9.94 -35.11 -19.73
C GLN A 356 -8.77 -36.02 -19.38
N LYS A 357 -7.59 -35.72 -19.90
CA LYS A 357 -6.43 -36.54 -19.63
C LYS A 357 -6.10 -36.61 -18.15
N GLN A 358 -6.31 -35.51 -17.43
CA GLN A 358 -6.02 -35.48 -16.00
C GLN A 358 -7.23 -35.82 -15.14
N ASN A 359 -8.23 -36.42 -15.78
CA ASN A 359 -9.47 -36.85 -15.12
C ASN A 359 -10.17 -35.79 -14.28
N VAL A 360 -10.28 -34.59 -14.83
CA VAL A 360 -10.96 -33.51 -14.13
C VAL A 360 -12.22 -33.16 -14.89
N THR A 361 -13.34 -33.20 -14.18
CA THR A 361 -14.63 -32.89 -14.77
C THR A 361 -14.61 -31.56 -15.53
N ILE A 362 -15.24 -31.57 -16.70
CA ILE A 362 -15.35 -30.39 -17.53
C ILE A 362 -16.41 -30.69 -18.58
N MET A 363 -17.00 -29.65 -19.15
CA MET A 363 -18.03 -29.85 -20.17
C MET A 363 -17.81 -28.87 -21.30
N ASP A 364 -17.89 -29.37 -22.54
CA ASP A 364 -17.71 -28.51 -23.70
C ASP A 364 -18.98 -27.67 -23.86
N HIS A 365 -18.85 -26.51 -24.50
CA HIS A 365 -19.99 -25.62 -24.68
C HIS A 365 -21.13 -26.17 -25.54
N HIS A 366 -20.82 -27.12 -26.42
CA HIS A 366 -21.85 -27.70 -27.26
C HIS A 366 -22.75 -28.57 -26.39
N THR A 367 -22.11 -29.47 -25.65
CA THR A 367 -22.84 -30.37 -24.77
C THR A 367 -23.62 -29.59 -23.71
N ALA A 368 -23.06 -28.48 -23.24
CA ALA A 368 -23.73 -27.67 -22.23
C ALA A 368 -24.95 -26.96 -22.79
N SER A 369 -24.85 -26.47 -24.03
CA SER A 369 -25.98 -25.80 -24.65
C SER A 369 -27.17 -26.75 -24.81
N GLU A 370 -26.91 -27.96 -25.34
CA GLU A 370 -27.98 -28.93 -25.51
C GLU A 370 -28.56 -29.25 -24.14
N SER A 371 -27.67 -29.41 -23.18
CA SER A 371 -28.08 -29.69 -21.81
C SER A 371 -29.02 -28.61 -21.29
N PHE A 372 -28.68 -27.35 -21.52
CA PHE A 372 -29.54 -26.27 -21.05
C PHE A 372 -30.88 -26.29 -21.76
N MET A 373 -30.89 -26.61 -23.06
CA MET A 373 -32.14 -26.66 -23.82
C MET A 373 -33.09 -27.68 -23.20
N LYS A 374 -32.57 -28.84 -22.83
CA LYS A 374 -33.38 -29.86 -22.20
C LYS A 374 -33.92 -29.32 -20.88
N HIS A 375 -33.06 -28.64 -20.13
CA HIS A 375 -33.45 -28.05 -18.86
C HIS A 375 -34.58 -27.05 -19.03
N MET A 376 -34.36 -26.08 -19.93
CA MET A 376 -35.34 -25.04 -20.19
C MET A 376 -36.70 -25.65 -20.53
N GLN A 377 -36.69 -26.72 -21.30
CA GLN A 377 -37.93 -27.40 -21.68
C GLN A 377 -38.54 -28.09 -20.46
N ASN A 378 -37.70 -28.61 -19.58
CA ASN A 378 -38.20 -29.27 -18.37
C ASN A 378 -38.86 -28.22 -17.50
N GLU A 379 -38.23 -27.06 -17.43
CA GLU A 379 -38.73 -25.95 -16.61
C GLU A 379 -40.08 -25.41 -17.08
N TYR A 380 -40.23 -25.15 -18.37
CA TYR A 380 -41.51 -24.64 -18.86
C TYR A 380 -42.59 -25.65 -18.55
N ARG A 381 -42.27 -26.92 -18.71
CA ARG A 381 -43.21 -28.00 -18.44
C ARG A 381 -43.52 -28.01 -16.94
N ALA A 382 -42.46 -27.90 -16.12
CA ALA A 382 -42.59 -27.92 -14.67
C ALA A 382 -43.24 -26.68 -14.05
N ARG A 383 -42.89 -25.49 -14.50
CA ARG A 383 -43.50 -24.30 -13.92
C ARG A 383 -43.75 -23.14 -14.86
N GLY A 384 -43.94 -23.44 -16.13
CA GLY A 384 -44.23 -22.41 -17.11
C GLY A 384 -43.24 -21.27 -17.25
N GLY A 385 -41.95 -21.59 -17.19
CA GLY A 385 -40.94 -20.55 -17.33
C GLY A 385 -39.55 -20.91 -16.88
N CYS A 386 -38.58 -20.10 -17.31
CA CYS A 386 -37.19 -20.28 -16.96
C CYS A 386 -36.47 -18.97 -17.19
N PRO A 387 -36.17 -18.24 -16.11
CA PRO A 387 -35.46 -16.96 -16.28
C PRO A 387 -34.14 -17.25 -17.00
N ALA A 388 -33.91 -16.57 -18.11
CA ALA A 388 -32.70 -16.81 -18.88
C ALA A 388 -32.16 -15.55 -19.51
N ASP A 389 -30.85 -15.37 -19.41
CA ASP A 389 -30.17 -14.22 -19.98
C ASP A 389 -29.39 -14.72 -21.19
N TRP A 390 -30.02 -14.57 -22.36
CA TRP A 390 -29.45 -14.98 -23.64
C TRP A 390 -27.98 -14.57 -23.77
N ILE A 391 -27.71 -13.31 -23.45
CA ILE A 391 -26.38 -12.75 -23.56
C ILE A 391 -25.32 -13.51 -22.77
N TRP A 392 -25.70 -14.10 -21.64
CA TRP A 392 -24.74 -14.87 -20.87
C TRP A 392 -24.79 -16.35 -21.20
N LEU A 393 -25.97 -16.84 -21.61
CA LEU A 393 -26.13 -18.26 -21.92
C LEU A 393 -25.46 -18.71 -23.22
N VAL A 394 -25.41 -17.82 -24.21
CA VAL A 394 -24.77 -18.15 -25.49
C VAL A 394 -23.25 -18.15 -25.30
N PRO A 395 -22.60 -19.29 -25.55
CA PRO A 395 -21.14 -19.38 -25.40
C PRO A 395 -20.39 -18.28 -26.14
N PRO A 396 -19.16 -17.95 -25.68
CA PRO A 396 -18.32 -16.92 -26.27
C PRO A 396 -17.74 -17.28 -27.64
N VAL A 397 -18.00 -18.50 -28.10
CA VAL A 397 -17.57 -18.94 -29.43
C VAL A 397 -18.67 -19.81 -30.02
N SER A 398 -18.70 -19.87 -31.35
CA SER A 398 -19.67 -20.66 -32.10
C SER A 398 -21.12 -20.47 -31.70
N GLY A 399 -21.50 -19.22 -31.45
CA GLY A 399 -22.85 -18.90 -31.06
C GLY A 399 -23.99 -19.62 -31.75
N SER A 400 -24.24 -19.30 -33.01
CA SER A 400 -25.35 -19.93 -33.71
C SER A 400 -25.17 -21.42 -33.94
N ILE A 401 -23.98 -21.94 -33.67
CA ILE A 401 -23.77 -23.37 -33.83
C ILE A 401 -24.40 -24.09 -32.65
N THR A 402 -24.63 -23.34 -31.56
CA THR A 402 -25.27 -23.94 -30.37
C THR A 402 -26.77 -23.70 -30.49
N PRO A 403 -27.58 -24.60 -29.95
CA PRO A 403 -29.04 -24.45 -30.03
C PRO A 403 -29.58 -23.28 -29.21
N VAL A 404 -28.90 -22.93 -28.12
CA VAL A 404 -29.34 -21.85 -27.26
C VAL A 404 -29.46 -20.52 -28.01
N PHE A 405 -28.62 -20.33 -29.02
CA PHE A 405 -28.62 -19.11 -29.82
C PHE A 405 -29.97 -18.84 -30.52
N HIS A 406 -30.64 -19.89 -30.97
CA HIS A 406 -31.91 -19.76 -31.68
C HIS A 406 -33.13 -19.78 -30.76
N GLN A 407 -32.89 -19.83 -29.46
CA GLN A 407 -33.98 -19.87 -28.49
C GLN A 407 -34.28 -18.50 -27.89
N GLU A 408 -35.50 -18.01 -28.08
CA GLU A 408 -35.88 -16.73 -27.48
C GLU A 408 -36.03 -16.98 -26.00
N MET A 409 -35.66 -16.01 -25.18
CA MET A 409 -35.73 -16.16 -23.73
C MET A 409 -36.22 -14.91 -23.03
N LEU A 410 -36.77 -15.10 -21.84
CA LEU A 410 -37.24 -13.99 -21.02
C LEU A 410 -36.34 -13.97 -19.79
N ASN A 411 -35.81 -12.80 -19.48
CA ASN A 411 -34.93 -12.65 -18.34
C ASN A 411 -35.58 -11.85 -17.22
N TYR A 412 -35.85 -12.51 -16.10
CA TYR A 412 -36.46 -11.83 -14.96
C TYR A 412 -35.85 -12.30 -13.64
N VAL A 413 -36.10 -11.53 -12.58
CA VAL A 413 -35.57 -11.83 -11.27
C VAL A 413 -36.61 -12.40 -10.30
N LEU A 414 -36.49 -13.68 -9.99
CA LEU A 414 -37.41 -14.35 -9.07
C LEU A 414 -36.78 -14.33 -7.68
N SER A 415 -37.28 -15.19 -6.79
CA SER A 415 -36.75 -15.29 -5.43
C SER A 415 -37.06 -16.69 -4.93
N PRO A 416 -36.09 -17.36 -4.27
CA PRO A 416 -34.71 -16.98 -3.92
C PRO A 416 -33.88 -16.56 -5.15
N PHE A 417 -32.79 -15.84 -4.90
CA PHE A 417 -31.94 -15.37 -5.99
C PHE A 417 -30.52 -15.08 -5.51
N TYR A 418 -29.56 -15.14 -6.44
CA TYR A 418 -28.18 -14.83 -6.12
C TYR A 418 -27.88 -13.46 -6.73
N TYR A 419 -27.59 -12.49 -5.88
CA TYR A 419 -27.30 -11.14 -6.36
C TYR A 419 -25.84 -10.80 -6.30
N TYR A 420 -25.48 -9.73 -7.01
CA TYR A 420 -24.13 -9.22 -6.97
C TYR A 420 -24.14 -8.29 -5.76
N GLN A 421 -22.99 -7.77 -5.39
CA GLN A 421 -22.89 -6.87 -4.25
C GLN A 421 -21.94 -5.76 -4.62
N ILE A 422 -21.95 -4.68 -3.85
CA ILE A 422 -21.02 -3.58 -4.10
C ILE A 422 -19.68 -4.06 -3.59
N GLU A 423 -18.61 -3.77 -4.32
CA GLU A 423 -17.27 -4.16 -3.90
C GLU A 423 -17.13 -3.78 -2.43
N PRO A 424 -16.79 -4.75 -1.56
CA PRO A 424 -16.65 -4.52 -0.12
C PRO A 424 -15.72 -3.40 0.31
N TRP A 425 -14.61 -3.21 -0.42
CA TRP A 425 -13.67 -2.17 -0.07
C TRP A 425 -14.19 -0.76 -0.36
N LYS A 426 -15.34 -0.67 -1.01
CA LYS A 426 -15.92 0.62 -1.33
C LYS A 426 -16.84 1.13 -0.23
N THR A 427 -17.40 0.21 0.55
CA THR A 427 -18.31 0.59 1.62
C THR A 427 -17.85 0.20 3.01
N HIS A 428 -16.80 -0.60 3.10
CA HIS A 428 -16.32 -1.03 4.41
C HIS A 428 -15.89 0.12 5.30
N ILE A 429 -16.18 -0.02 6.59
CA ILE A 429 -15.80 0.98 7.57
C ILE A 429 -14.68 0.33 8.37
N TRP A 430 -13.45 0.68 8.04
CA TRP A 430 -12.29 0.12 8.73
C TRP A 430 -12.25 0.42 10.21
N GLN A 431 -11.93 -0.59 11.00
CA GLN A 431 -11.84 -0.46 12.45
C GLN A 431 -10.47 0.11 12.80
N ASN A 432 -9.49 -0.23 11.97
CA ASN A 432 -8.12 0.23 12.17
C ASN A 432 -7.29 -0.04 10.91
N GLN B 12 33.31 26.81 39.41
CA GLN B 12 32.04 26.81 38.63
C GLN B 12 32.31 26.46 37.17
N TYR B 13 33.21 25.50 36.95
CA TYR B 13 33.54 25.09 35.59
C TYR B 13 34.03 23.65 35.56
N VAL B 14 33.94 23.01 34.41
CA VAL B 14 34.39 21.64 34.25
C VAL B 14 35.68 21.67 33.46
N ARG B 15 36.72 21.00 33.98
CA ARG B 15 38.00 20.96 33.29
C ARG B 15 37.91 20.00 32.12
N ILE B 16 38.50 20.39 31.01
CA ILE B 16 38.50 19.59 29.79
C ILE B 16 39.93 19.51 29.28
N LYS B 17 40.35 18.32 28.90
CA LYS B 17 41.72 18.19 28.42
C LYS B 17 41.88 17.59 27.03
N ASN B 18 42.91 18.07 26.33
CA ASN B 18 43.23 17.55 25.01
C ASN B 18 44.51 16.75 25.23
N TRP B 19 44.43 15.44 25.08
CA TRP B 19 45.58 14.59 25.30
C TRP B 19 46.64 14.62 24.23
N GLY B 20 46.38 15.36 23.16
CA GLY B 20 47.35 15.46 22.10
C GLY B 20 48.30 16.61 22.35
N SER B 21 47.80 17.66 23.00
CA SER B 21 48.60 18.84 23.29
C SER B 21 48.72 19.15 24.77
N GLY B 22 47.95 18.45 25.60
CA GLY B 22 48.01 18.71 27.03
C GLY B 22 47.23 19.95 27.40
N GLU B 23 46.79 20.69 26.39
CA GLU B 23 46.04 21.93 26.61
C GLU B 23 44.78 21.72 27.43
N ILE B 24 44.53 22.64 28.36
CA ILE B 24 43.36 22.56 29.22
C ILE B 24 42.35 23.65 28.91
N LEU B 25 41.07 23.32 29.04
CA LEU B 25 39.98 24.25 28.78
C LEU B 25 39.01 24.21 29.95
N HIS B 26 38.33 25.34 30.19
CA HIS B 26 37.37 25.45 31.28
C HIS B 26 35.98 25.71 30.72
N ASP B 27 35.05 24.80 30.99
CA ASP B 27 33.70 24.95 30.50
C ASP B 27 32.73 25.48 31.55
N THR B 28 32.15 26.64 31.24
CA THR B 28 31.17 27.26 32.12
C THR B 28 29.85 27.34 31.38
N LEU B 29 29.91 27.28 30.05
CA LEU B 29 28.72 27.36 29.22
C LEU B 29 27.66 26.32 29.56
N HIS B 30 28.08 25.13 29.96
CA HIS B 30 27.15 24.06 30.29
C HIS B 30 26.11 24.49 31.35
N HIS B 31 26.44 25.49 32.14
CA HIS B 31 25.51 25.97 33.15
C HIS B 31 24.27 26.53 32.47
N LYS B 32 24.47 27.04 31.26
CA LYS B 32 23.40 27.63 30.47
C LYS B 32 22.41 26.60 29.95
N ALA B 33 22.67 25.32 30.23
CA ALA B 33 21.77 24.25 29.81
C ALA B 33 20.71 24.07 30.90
N THR B 34 19.47 23.86 30.51
CA THR B 34 18.41 23.69 31.51
C THR B 34 17.46 22.55 31.15
N SER B 35 17.97 21.56 30.43
CA SER B 35 17.14 20.44 30.02
C SER B 35 17.79 19.09 30.29
N ASP B 36 17.11 18.25 31.08
CA ASP B 36 17.62 16.92 31.40
C ASP B 36 18.18 16.25 30.16
N PHE B 37 19.36 15.66 30.28
CA PHE B 37 20.02 15.02 29.16
C PHE B 37 19.71 13.52 29.08
N THR B 38 20.49 12.81 28.26
CA THR B 38 20.32 11.37 28.07
C THR B 38 20.72 10.59 29.32
N CYS B 39 22.01 10.59 29.62
CA CYS B 39 22.56 9.89 30.76
C CYS B 39 21.76 10.12 32.03
N LYS B 40 21.86 9.18 32.96
CA LYS B 40 21.15 9.27 34.24
C LYS B 40 22.13 9.70 35.33
N SER B 41 21.88 9.21 36.55
CA SER B 41 22.72 9.52 37.69
C SER B 41 23.93 8.58 37.73
N LYS B 42 23.73 7.36 37.22
CA LYS B 42 24.79 6.36 37.20
C LYS B 42 24.70 5.45 35.97
N SER B 43 23.93 5.88 34.97
CA SER B 43 23.76 5.11 33.74
C SER B 43 23.86 6.02 32.52
N CYS B 44 25.04 6.04 31.89
CA CYS B 44 25.28 6.86 30.71
C CYS B 44 24.74 6.24 29.43
N LEU B 45 23.84 6.96 28.76
CA LEU B 45 23.24 6.50 27.51
C LEU B 45 23.86 7.28 26.36
N GLY B 46 25.17 7.49 26.44
CA GLY B 46 25.90 8.26 25.44
C GLY B 46 25.84 7.81 23.98
N SER B 47 25.89 6.51 23.73
CA SER B 47 25.87 6.02 22.36
C SER B 47 24.48 5.82 21.75
N ILE B 48 23.44 6.26 22.44
CA ILE B 48 22.07 6.14 21.92
C ILE B 48 21.92 7.15 20.78
N MET B 49 21.45 6.70 19.63
CA MET B 49 21.29 7.59 18.49
C MET B 49 20.14 8.59 18.61
N ASN B 50 18.98 8.10 19.05
CA ASN B 50 17.82 8.97 19.17
C ASN B 50 17.21 8.95 20.57
N PRO B 51 17.90 9.53 21.55
CA PRO B 51 17.37 9.56 22.92
C PRO B 51 16.25 10.60 23.00
N LYS B 52 15.43 10.49 24.04
CA LYS B 52 14.33 11.43 24.22
C LYS B 52 14.83 12.86 24.43
N SER B 53 15.95 12.99 25.12
CA SER B 53 16.52 14.31 25.39
C SER B 53 16.83 15.12 24.13
N LEU B 54 16.92 14.45 22.99
CA LEU B 54 17.22 15.14 21.73
C LEU B 54 15.99 15.16 20.83
N THR B 55 14.85 14.76 21.39
CA THR B 55 13.62 14.72 20.63
C THR B 55 12.56 15.67 21.17
N ARG B 56 11.88 16.36 20.27
CA ARG B 56 10.82 17.29 20.65
C ARG B 56 9.59 16.77 19.92
N GLY B 57 8.76 16.05 20.66
CA GLY B 57 7.56 15.45 20.10
C GLY B 57 6.42 16.37 19.74
N PRO B 58 5.29 15.80 19.30
CA PRO B 58 4.10 16.55 18.90
C PRO B 58 3.28 17.07 20.08
N ARG B 59 2.28 17.90 19.76
CA ARG B 59 1.39 18.48 20.75
C ARG B 59 -0.04 18.47 20.19
N ASP B 60 -1.00 18.83 21.03
CA ASP B 60 -2.40 18.90 20.64
C ASP B 60 -3.00 20.13 21.29
N LYS B 61 -2.15 20.89 21.96
CA LYS B 61 -2.55 22.11 22.64
C LYS B 61 -1.36 23.03 22.63
N PRO B 62 -1.59 24.34 22.68
CA PRO B 62 -0.48 25.29 22.69
C PRO B 62 0.43 25.06 23.89
N THR B 63 1.63 25.60 23.84
CA THR B 63 2.57 25.46 24.94
C THR B 63 2.09 26.28 26.13
N PRO B 64 1.99 25.66 27.30
CA PRO B 64 1.54 26.35 28.51
C PRO B 64 2.26 27.68 28.72
N LEU B 65 1.49 28.70 29.09
CA LEU B 65 2.01 30.03 29.34
C LEU B 65 3.19 29.96 30.32
N GLU B 66 2.98 29.25 31.41
CA GLU B 66 4.00 29.09 32.44
C GLU B 66 5.30 28.57 31.86
N GLU B 67 5.20 27.73 30.84
CA GLU B 67 6.36 27.14 30.19
C GLU B 67 6.95 28.06 29.13
N LEU B 68 6.08 28.62 28.29
CA LEU B 68 6.50 29.50 27.20
C LEU B 68 7.16 30.82 27.58
N LEU B 69 6.45 31.64 28.35
CA LEU B 69 6.95 32.94 28.77
C LEU B 69 8.41 32.97 29.23
N PRO B 70 8.79 32.11 30.17
CA PRO B 70 10.18 32.09 30.65
C PRO B 70 11.20 31.85 29.53
N HIS B 71 10.85 30.97 28.59
CA HIS B 71 11.75 30.68 27.48
C HIS B 71 11.86 31.87 26.54
N ALA B 72 10.74 32.52 26.26
CA ALA B 72 10.73 33.69 25.37
C ALA B 72 11.61 34.80 25.91
N ILE B 73 11.49 35.08 27.20
CA ILE B 73 12.28 36.13 27.84
C ILE B 73 13.77 35.84 27.76
N GLU B 74 14.12 34.57 27.98
CA GLU B 74 15.52 34.16 27.93
C GLU B 74 16.09 34.37 26.53
N PHE B 75 15.31 34.03 25.50
CA PHE B 75 15.75 34.21 24.13
C PHE B 75 15.95 35.67 23.75
N ILE B 76 14.99 36.51 24.12
CA ILE B 76 15.07 37.94 23.82
C ILE B 76 16.33 38.52 24.44
N ASN B 77 16.63 38.11 25.68
CA ASN B 77 17.83 38.58 26.35
C ASN B 77 19.08 38.09 25.63
N GLN B 78 19.03 36.85 25.16
CA GLN B 78 20.12 36.25 24.42
C GLN B 78 20.35 37.07 23.15
N TYR B 79 19.25 37.36 22.47
CA TYR B 79 19.30 38.12 21.23
C TYR B 79 19.89 39.51 21.41
N TYR B 80 19.37 40.26 22.38
CA TYR B 80 19.87 41.61 22.63
C TYR B 80 21.25 41.58 23.28
N GLY B 81 21.58 40.48 23.94
CA GLY B 81 22.87 40.36 24.57
C GLY B 81 23.97 40.11 23.55
N SER B 82 23.59 39.76 22.33
CA SER B 82 24.57 39.48 21.29
C SER B 82 25.04 40.73 20.55
N PHE B 83 24.30 41.83 20.71
CA PHE B 83 24.67 43.09 20.05
C PHE B 83 26.00 43.61 20.58
N LYS B 84 26.87 44.03 19.68
CA LYS B 84 28.17 44.58 20.08
C LYS B 84 27.90 45.91 20.78
N GLU B 85 26.89 46.62 20.28
CA GLU B 85 26.49 47.90 20.85
C GLU B 85 25.08 47.70 21.39
N ALA B 86 24.98 47.55 22.71
CA ALA B 86 23.68 47.33 23.35
C ALA B 86 22.63 48.37 23.01
N LYS B 87 21.37 47.93 23.04
CA LYS B 87 20.22 48.77 22.76
C LYS B 87 19.25 48.51 23.91
N ILE B 88 19.68 48.85 25.12
CA ILE B 88 18.88 48.65 26.32
C ILE B 88 17.41 49.00 26.14
N GLU B 89 17.15 50.21 25.64
CA GLU B 89 15.77 50.64 25.44
C GLU B 89 14.98 49.69 24.55
N GLU B 90 15.56 49.34 23.41
CA GLU B 90 14.91 48.41 22.48
C GLU B 90 14.74 47.04 23.12
N HIS B 91 15.75 46.63 23.90
CA HIS B 91 15.73 45.35 24.59
C HIS B 91 14.52 45.32 25.54
N LEU B 92 14.43 46.33 26.40
CA LEU B 92 13.33 46.43 27.36
C LEU B 92 11.96 46.48 26.68
N ALA B 93 11.86 47.28 25.62
CA ALA B 93 10.61 47.39 24.90
C ALA B 93 10.20 46.04 24.32
N ARG B 94 11.16 45.35 23.74
CA ARG B 94 10.89 44.03 23.16
C ARG B 94 10.44 43.06 24.25
N LEU B 95 11.13 43.08 25.38
CA LEU B 95 10.76 42.18 26.48
C LEU B 95 9.29 42.40 26.84
N GLU B 96 8.92 43.66 27.02
CA GLU B 96 7.55 44.01 27.38
C GLU B 96 6.56 43.53 26.34
N ALA B 97 6.81 43.89 25.08
CA ALA B 97 5.94 43.50 23.98
C ALA B 97 5.76 41.98 23.89
N VAL B 98 6.86 41.25 23.92
CA VAL B 98 6.78 39.79 23.86
C VAL B 98 5.99 39.22 25.04
N THR B 99 6.22 39.79 26.23
CA THR B 99 5.51 39.33 27.41
C THR B 99 4.00 39.52 27.25
N LYS B 100 3.60 40.74 26.87
CA LYS B 100 2.19 41.05 26.69
C LYS B 100 1.55 40.21 25.60
N GLU B 101 2.26 40.05 24.49
CA GLU B 101 1.72 39.27 23.39
C GLU B 101 1.44 37.84 23.87
N ILE B 102 2.40 37.27 24.58
CA ILE B 102 2.26 35.92 25.11
C ILE B 102 1.10 35.81 26.10
N GLU B 103 1.05 36.74 27.06
CA GLU B 103 -0.01 36.74 28.08
C GLU B 103 -1.42 36.98 27.50
N THR B 104 -1.49 37.73 26.41
CA THR B 104 -2.78 38.03 25.80
C THR B 104 -3.16 37.13 24.63
N THR B 105 -2.18 36.65 23.86
CA THR B 105 -2.48 35.80 22.72
C THR B 105 -2.17 34.33 22.96
N GLY B 106 -1.31 34.06 23.93
CA GLY B 106 -0.96 32.69 24.22
C GLY B 106 0.35 32.26 23.57
N THR B 107 0.78 33.02 22.58
CA THR B 107 2.03 32.73 21.88
C THR B 107 2.61 34.05 21.40
N TYR B 108 3.61 33.98 20.52
CA TYR B 108 4.20 35.19 19.98
C TYR B 108 4.93 34.95 18.68
N GLN B 109 5.25 36.04 18.00
CA GLN B 109 5.94 35.99 16.71
C GLN B 109 7.32 36.62 16.84
N LEU B 110 8.32 36.01 16.21
CA LEU B 110 9.69 36.53 16.23
C LEU B 110 9.82 37.54 15.10
N THR B 111 10.78 38.46 15.21
CA THR B 111 11.02 39.40 14.13
C THR B 111 11.95 38.62 13.20
N LEU B 112 12.15 39.11 11.97
CA LEU B 112 13.02 38.41 11.05
C LEU B 112 14.44 38.30 11.60
N ASP B 113 14.98 39.39 12.12
CA ASP B 113 16.33 39.39 12.67
C ASP B 113 16.49 38.40 13.83
N GLU B 114 15.45 38.27 14.64
CA GLU B 114 15.51 37.34 15.77
C GLU B 114 15.56 35.91 15.23
N LEU B 115 14.76 35.64 14.20
CA LEU B 115 14.71 34.31 13.58
C LEU B 115 16.07 33.97 12.96
N ILE B 116 16.65 34.93 12.23
CA ILE B 116 17.95 34.72 11.60
C ILE B 116 18.99 34.40 12.66
N PHE B 117 18.96 35.15 13.75
CA PHE B 117 19.89 34.95 14.86
C PHE B 117 19.65 33.57 15.47
N ALA B 118 18.38 33.20 15.59
CA ALA B 118 18.00 31.92 16.15
C ALA B 118 18.50 30.72 15.34
N THR B 119 18.35 30.77 14.02
CA THR B 119 18.79 29.65 13.18
C THR B 119 20.30 29.42 13.26
N LYS B 120 21.07 30.50 13.35
CA LYS B 120 22.52 30.39 13.43
C LYS B 120 22.98 29.92 14.82
N MET B 121 22.28 30.35 15.87
CA MET B 121 22.65 29.92 17.22
C MET B 121 22.35 28.43 17.37
N ALA B 122 21.23 27.99 16.79
CA ALA B 122 20.85 26.58 16.86
C ALA B 122 21.91 25.73 16.18
N TRP B 123 22.48 26.25 15.09
CA TRP B 123 23.51 25.53 14.37
C TRP B 123 24.74 25.52 15.28
N ARG B 124 25.06 26.70 15.80
CA ARG B 124 26.19 26.87 16.70
C ARG B 124 26.06 25.90 17.88
N ASN B 125 24.83 25.63 18.31
CA ASN B 125 24.56 24.73 19.43
C ASN B 125 24.30 23.29 19.03
N ALA B 126 24.59 22.91 17.78
CA ALA B 126 24.36 21.53 17.34
C ALA B 126 25.57 20.67 17.74
N PRO B 127 25.47 19.94 18.85
CA PRO B 127 26.52 19.08 19.38
C PRO B 127 27.11 18.08 18.40
N ARG B 128 26.27 17.60 17.49
CA ARG B 128 26.71 16.61 16.53
C ARG B 128 27.25 17.15 15.21
N CYS B 129 27.35 18.47 15.09
CA CYS B 129 27.85 19.06 13.85
C CYS B 129 29.33 19.47 13.88
N ILE B 130 30.10 18.90 12.97
CA ILE B 130 31.52 19.18 12.87
C ILE B 130 31.85 20.39 12.00
N GLY B 131 30.87 20.90 11.25
CA GLY B 131 31.13 22.04 10.39
C GLY B 131 30.75 23.38 10.98
N ARG B 132 30.54 23.42 12.29
CA ARG B 132 30.12 24.65 12.95
C ARG B 132 30.99 25.90 12.87
N ILE B 133 32.20 25.81 12.34
CA ILE B 133 33.01 27.02 12.25
C ILE B 133 32.32 27.98 11.28
N GLN B 134 31.43 27.43 10.45
CA GLN B 134 30.67 28.20 9.47
C GLN B 134 29.35 28.75 10.00
N TRP B 135 29.04 28.47 11.27
CA TRP B 135 27.77 28.84 11.88
C TRP B 135 27.13 30.21 11.63
N SER B 136 27.91 31.26 11.39
CA SER B 136 27.29 32.57 11.16
C SER B 136 27.04 32.82 9.67
N ASN B 137 27.53 31.91 8.82
CA ASN B 137 27.38 32.05 7.37
C ASN B 137 26.21 31.16 6.92
N LEU B 138 24.99 31.68 7.08
CA LEU B 138 23.79 30.94 6.74
C LEU B 138 22.70 31.79 6.10
N GLN B 139 22.25 31.39 4.92
CA GLN B 139 21.19 32.11 4.23
C GLN B 139 19.86 31.65 4.84
N VAL B 140 19.01 32.60 5.17
CA VAL B 140 17.73 32.29 5.77
C VAL B 140 16.55 32.64 4.87
N PHE B 141 15.69 31.67 4.63
CA PHE B 141 14.51 31.88 3.81
C PHE B 141 13.30 31.83 4.74
N ASP B 142 12.62 32.96 4.85
CA ASP B 142 11.44 33.08 5.69
C ASP B 142 10.19 32.67 4.95
N ALA B 143 9.69 31.47 5.24
CA ALA B 143 8.48 30.95 4.61
C ALA B 143 7.40 30.79 5.67
N ARG B 144 7.47 31.62 6.71
CA ARG B 144 6.51 31.58 7.79
C ARG B 144 5.08 31.96 7.38
N ASN B 145 4.93 32.56 6.22
CA ASN B 145 3.61 32.96 5.73
C ASN B 145 3.07 31.92 4.75
N CYS B 146 3.75 30.78 4.69
CA CYS B 146 3.37 29.69 3.80
C CYS B 146 2.08 29.06 4.26
N SER B 147 1.25 28.60 3.33
CA SER B 147 -0.01 27.99 3.72
C SER B 147 -0.39 26.70 3.01
N THR B 148 0.11 26.48 1.80
CA THR B 148 -0.24 25.25 1.09
C THR B 148 0.97 24.39 0.79
N ALA B 149 0.72 23.12 0.49
CA ALA B 149 1.78 22.17 0.16
C ALA B 149 2.48 22.62 -1.11
N GLN B 150 1.70 23.15 -2.06
CA GLN B 150 2.27 23.64 -3.31
C GLN B 150 3.28 24.75 -3.04
N GLU B 151 2.98 25.59 -2.04
CA GLU B 151 3.87 26.68 -1.68
C GLU B 151 5.14 26.14 -1.01
N MET B 152 4.99 25.11 -0.18
CA MET B 152 6.13 24.50 0.50
C MET B 152 7.08 24.00 -0.59
N PHE B 153 6.52 23.26 -1.52
CA PHE B 153 7.26 22.69 -2.64
C PHE B 153 8.06 23.76 -3.36
N GLN B 154 7.42 24.91 -3.61
CA GLN B 154 8.09 26.01 -4.30
C GLN B 154 9.23 26.59 -3.48
N HIS B 155 9.01 26.72 -2.17
CA HIS B 155 10.04 27.26 -1.30
C HIS B 155 11.22 26.31 -1.24
N ILE B 156 10.92 25.01 -1.17
CA ILE B 156 11.95 23.99 -1.10
C ILE B 156 12.76 23.95 -2.38
N CYS B 157 12.10 24.06 -3.53
CA CYS B 157 12.80 24.05 -4.80
C CYS B 157 13.74 25.25 -4.85
N ARG B 158 13.24 26.38 -4.35
CA ARG B 158 14.00 27.62 -4.31
C ARG B 158 15.26 27.42 -3.47
N HIS B 159 15.08 26.80 -2.31
CA HIS B 159 16.18 26.52 -1.39
C HIS B 159 17.21 25.62 -2.07
N ILE B 160 16.75 24.51 -2.63
CA ILE B 160 17.64 23.58 -3.31
C ILE B 160 18.47 24.26 -4.39
N LEU B 161 17.81 25.08 -5.21
CA LEU B 161 18.48 25.80 -6.29
C LEU B 161 19.54 26.75 -5.71
N TYR B 162 19.15 27.57 -4.74
CA TYR B 162 20.08 28.51 -4.12
C TYR B 162 21.30 27.82 -3.51
N ALA B 163 21.04 26.77 -2.73
CA ALA B 163 22.09 26.03 -2.04
C ALA B 163 23.02 25.26 -2.96
N THR B 164 22.47 24.66 -4.02
CA THR B 164 23.28 23.90 -4.95
C THR B 164 24.22 24.84 -5.69
N ASN B 165 23.67 25.94 -6.17
CA ASN B 165 24.44 26.97 -6.87
C ASN B 165 25.47 26.40 -7.85
N ASN B 166 25.05 25.40 -8.60
CA ASN B 166 25.90 24.76 -9.60
C ASN B 166 27.21 24.19 -9.09
N GLY B 167 27.21 23.65 -7.87
CA GLY B 167 28.42 23.06 -7.33
C GLY B 167 29.11 23.86 -6.22
N ASN B 168 28.93 25.17 -6.24
CA ASN B 168 29.53 26.02 -5.21
C ASN B 168 28.48 26.12 -4.12
N ILE B 169 28.39 25.06 -3.32
CA ILE B 169 27.41 24.94 -2.25
C ILE B 169 27.36 26.08 -1.22
N ARG B 170 26.14 26.52 -0.92
CA ARG B 170 25.91 27.58 0.04
C ARG B 170 24.95 27.04 1.10
N SER B 171 25.26 27.30 2.37
CA SER B 171 24.43 26.82 3.47
C SER B 171 23.17 27.68 3.56
N ALA B 172 22.04 27.03 3.80
CA ALA B 172 20.78 27.74 3.92
C ALA B 172 19.75 26.95 4.71
N ILE B 173 18.71 27.66 5.14
CA ILE B 173 17.63 27.05 5.89
C ILE B 173 16.33 27.74 5.49
N THR B 174 15.26 26.97 5.41
CA THR B 174 13.97 27.53 5.08
C THR B 174 13.04 27.29 6.27
N VAL B 175 12.57 28.38 6.86
CA VAL B 175 11.69 28.31 8.01
C VAL B 175 10.22 28.44 7.65
N PHE B 176 9.46 27.39 7.91
CA PHE B 176 8.03 27.37 7.64
C PHE B 176 7.29 27.79 8.92
N PRO B 177 5.96 27.98 8.84
CA PRO B 177 5.19 28.39 10.01
C PRO B 177 5.46 27.58 11.28
N GLN B 178 5.61 28.29 12.39
CA GLN B 178 5.85 27.67 13.69
C GLN B 178 4.61 26.89 14.11
N ARG B 179 4.81 25.93 15.00
CA ARG B 179 3.72 25.12 15.51
C ARG B 179 2.78 26.02 16.33
N SER B 180 1.48 25.81 16.16
CA SER B 180 0.51 26.61 16.89
C SER B 180 -0.19 25.78 17.95
N ASP B 181 -1.19 25.00 17.55
CA ASP B 181 -1.93 24.15 18.48
C ASP B 181 -1.47 22.71 18.36
N GLY B 182 -0.53 22.46 17.46
CA GLY B 182 -0.01 21.13 17.27
C GLY B 182 -0.85 20.29 16.33
N LYS B 183 -1.97 20.84 15.88
CA LYS B 183 -2.85 20.12 14.99
C LYS B 183 -2.73 20.64 13.56
N HIS B 184 -1.91 21.67 13.38
CA HIS B 184 -1.71 22.26 12.06
C HIS B 184 -0.22 22.33 11.70
N ASP B 185 0.53 21.34 12.14
CA ASP B 185 1.97 21.31 11.88
C ASP B 185 2.34 21.19 10.41
N PHE B 186 3.43 21.86 10.03
CA PHE B 186 3.95 21.71 8.69
C PHE B 186 5.04 20.67 8.95
N ARG B 187 5.18 19.70 8.06
CA ARG B 187 6.19 18.66 8.24
C ARG B 187 6.65 18.13 6.89
N LEU B 188 7.94 17.81 6.79
CA LEU B 188 8.45 17.19 5.58
C LEU B 188 8.61 15.75 6.07
N TRP B 189 8.03 14.80 5.35
CA TRP B 189 8.12 13.41 5.78
C TRP B 189 9.44 12.78 5.40
N ASN B 190 10.20 13.45 4.55
CA ASN B 190 11.51 12.96 4.14
C ASN B 190 12.48 13.17 5.29
N SER B 191 13.60 12.45 5.26
CA SER B 191 14.62 12.61 6.27
C SER B 191 15.58 13.68 5.75
N GLN B 192 15.88 13.60 4.46
CA GLN B 192 16.75 14.56 3.79
C GLN B 192 16.01 15.04 2.54
N LEU B 193 16.30 16.26 2.09
CA LEU B 193 15.65 16.78 0.89
C LEU B 193 15.96 15.87 -0.29
N ILE B 194 17.24 15.52 -0.43
CA ILE B 194 17.67 14.64 -1.52
C ILE B 194 18.10 13.31 -0.91
N ARG B 195 17.52 12.22 -1.39
CA ARG B 195 17.82 10.88 -0.89
C ARG B 195 17.38 9.88 -1.95
N TYR B 196 18.02 8.72 -2.00
CA TYR B 196 17.69 7.71 -2.99
C TYR B 196 16.72 6.63 -2.49
N ALA B 197 15.89 6.15 -3.40
CA ALA B 197 14.92 5.13 -3.08
C ALA B 197 15.56 3.76 -2.95
N GLY B 198 14.87 2.86 -2.27
CA GLY B 198 15.34 1.51 -2.10
C GLY B 198 14.17 0.60 -2.43
N TYR B 199 14.41 -0.46 -3.19
CA TYR B 199 13.32 -1.37 -3.57
C TYR B 199 13.69 -2.83 -3.34
N GLN B 200 12.71 -3.63 -2.93
CA GLN B 200 12.93 -5.05 -2.76
C GLN B 200 12.39 -5.63 -4.07
N MET B 201 13.28 -6.10 -4.92
CA MET B 201 12.92 -6.64 -6.22
C MET B 201 12.22 -7.98 -6.15
N PRO B 202 11.56 -8.38 -7.25
CA PRO B 202 10.84 -9.65 -7.35
C PRO B 202 11.74 -10.83 -7.00
N ASP B 203 13.00 -10.77 -7.45
CA ASP B 203 13.96 -11.83 -7.18
C ASP B 203 14.38 -11.83 -5.72
N GLY B 204 13.82 -10.90 -4.95
CA GLY B 204 14.15 -10.84 -3.54
C GLY B 204 15.29 -9.92 -3.14
N THR B 205 16.12 -9.53 -4.11
CA THR B 205 17.25 -8.65 -3.81
C THR B 205 16.81 -7.21 -3.56
N ILE B 206 17.69 -6.45 -2.92
CA ILE B 206 17.43 -5.04 -2.62
C ILE B 206 18.18 -4.19 -3.63
N ARG B 207 17.48 -3.23 -4.23
CA ARG B 207 18.11 -2.35 -5.19
C ARG B 207 18.04 -0.92 -4.67
N GLY B 208 19.16 -0.20 -4.78
CA GLY B 208 19.18 1.17 -4.32
C GLY B 208 19.61 1.30 -2.87
N ASP B 209 19.09 2.31 -2.18
CA ASP B 209 19.44 2.56 -0.78
C ASP B 209 18.58 1.72 0.16
N ALA B 210 19.08 0.56 0.54
CA ALA B 210 18.36 -0.34 1.42
C ALA B 210 17.76 0.34 2.66
N ALA B 211 18.39 1.42 3.10
CA ALA B 211 17.90 2.11 4.29
C ALA B 211 16.60 2.87 4.08
N THR B 212 16.18 3.04 2.83
CA THR B 212 14.92 3.77 2.57
C THR B 212 13.78 2.88 2.04
N LEU B 213 13.91 1.57 2.21
CA LEU B 213 12.89 0.63 1.77
C LEU B 213 11.47 1.01 2.22
N GLU B 214 11.29 1.22 3.51
CA GLU B 214 9.97 1.56 4.03
C GLU B 214 9.45 2.90 3.55
N PHE B 215 10.27 3.94 3.69
CA PHE B 215 9.85 5.26 3.24
C PHE B 215 9.59 5.27 1.75
N THR B 216 10.35 4.49 1.00
CA THR B 216 10.14 4.43 -0.44
C THR B 216 8.76 3.83 -0.67
N GLN B 217 8.44 2.79 0.10
CA GLN B 217 7.15 2.13 -0.02
C GLN B 217 6.04 3.12 0.32
N LEU B 218 6.26 3.93 1.36
CA LEU B 218 5.28 4.92 1.75
C LEU B 218 5.00 5.88 0.60
N CYS B 219 6.05 6.28 -0.10
CA CYS B 219 5.92 7.19 -1.23
C CYS B 219 5.07 6.55 -2.31
N ILE B 220 5.32 5.27 -2.56
CA ILE B 220 4.59 4.53 -3.57
C ILE B 220 3.13 4.44 -3.15
N ASP B 221 2.90 4.19 -1.86
CA ASP B 221 1.54 4.10 -1.34
C ASP B 221 0.80 5.42 -1.48
N LEU B 222 1.55 6.52 -1.55
CA LEU B 222 0.93 7.84 -1.69
C LEU B 222 0.80 8.23 -3.15
N GLY B 223 1.13 7.32 -4.04
CA GLY B 223 1.00 7.61 -5.46
C GLY B 223 2.27 7.83 -6.27
N TRP B 224 3.43 7.84 -5.62
CA TRP B 224 4.67 8.04 -6.35
C TRP B 224 4.91 6.83 -7.25
N LYS B 225 5.39 7.07 -8.46
CA LYS B 225 5.66 5.96 -9.37
C LYS B 225 7.07 5.43 -9.19
N PRO B 226 7.21 4.18 -8.76
CA PRO B 226 8.56 3.62 -8.57
C PRO B 226 9.29 3.50 -9.91
N ARG B 227 10.60 3.73 -9.88
CA ARG B 227 11.41 3.65 -11.09
C ARG B 227 12.40 2.50 -11.06
N TYR B 228 12.39 1.75 -9.96
CA TYR B 228 13.26 0.60 -9.78
C TYR B 228 14.71 0.82 -10.20
N GLY B 229 15.23 2.00 -9.88
CA GLY B 229 16.61 2.30 -10.21
C GLY B 229 17.47 2.20 -8.97
N ARG B 230 18.79 2.27 -9.12
CA ARG B 230 19.67 2.18 -7.97
C ARG B 230 19.89 3.56 -7.35
N PHE B 231 19.62 4.61 -8.12
CA PHE B 231 19.79 5.98 -7.65
C PHE B 231 18.61 6.87 -8.06
N ASP B 232 17.41 6.50 -7.63
CA ASP B 232 16.22 7.27 -7.93
C ASP B 232 15.93 8.26 -6.81
N VAL B 233 15.97 9.55 -7.13
CA VAL B 233 15.69 10.58 -6.15
C VAL B 233 14.24 10.47 -5.67
N LEU B 234 14.07 10.24 -4.38
CA LEU B 234 12.74 10.14 -3.79
C LEU B 234 12.00 11.47 -3.93
N PRO B 235 10.67 11.43 -3.91
CA PRO B 235 9.90 12.67 -4.02
C PRO B 235 9.77 13.33 -2.66
N LEU B 236 9.41 14.61 -2.65
CA LEU B 236 9.19 15.33 -1.42
C LEU B 236 7.78 14.96 -0.95
N VAL B 237 7.63 14.63 0.32
CA VAL B 237 6.33 14.29 0.89
C VAL B 237 6.07 15.44 1.85
N LEU B 238 5.23 16.37 1.42
CA LEU B 238 4.95 17.56 2.19
C LEU B 238 3.61 17.67 2.91
N GLN B 239 3.70 17.99 4.20
CA GLN B 239 2.55 18.16 5.07
C GLN B 239 2.42 19.64 5.40
N ALA B 240 1.30 20.24 4.99
CA ALA B 240 1.07 21.64 5.26
C ALA B 240 -0.16 21.84 6.13
N ASP B 241 -0.04 22.70 7.12
CA ASP B 241 -1.14 23.02 8.03
C ASP B 241 -1.88 21.78 8.55
N GLY B 242 -1.14 20.76 8.95
CA GLY B 242 -1.76 19.56 9.49
C GLY B 242 -2.48 18.68 8.49
N GLN B 243 -2.54 19.11 7.23
CA GLN B 243 -3.22 18.33 6.19
C GLN B 243 -2.41 17.07 5.87
N ASP B 244 -3.07 16.08 5.27
CA ASP B 244 -2.39 14.85 4.89
C ASP B 244 -1.24 15.24 3.97
N PRO B 245 -0.17 14.42 3.94
CA PRO B 245 0.98 14.70 3.08
C PRO B 245 0.72 14.54 1.58
N GLU B 246 1.35 15.41 0.80
CA GLU B 246 1.23 15.37 -0.65
C GLU B 246 2.60 15.09 -1.26
N VAL B 247 2.62 14.31 -2.33
CA VAL B 247 3.84 13.93 -3.00
C VAL B 247 4.21 14.88 -4.15
N PHE B 248 5.46 15.32 -4.16
CA PHE B 248 5.97 16.22 -5.20
C PHE B 248 7.33 15.71 -5.69
N GLU B 249 7.43 15.32 -6.95
CA GLU B 249 8.71 14.87 -7.45
C GLU B 249 9.61 16.10 -7.54
N ILE B 250 10.89 15.92 -7.25
CA ILE B 250 11.81 17.04 -7.31
C ILE B 250 12.27 17.25 -8.74
N PRO B 251 12.10 18.47 -9.27
CA PRO B 251 12.52 18.74 -10.65
C PRO B 251 13.96 18.29 -10.82
N PRO B 252 14.20 17.29 -11.67
CA PRO B 252 15.53 16.72 -11.95
C PRO B 252 16.64 17.74 -12.20
N ASP B 253 16.32 18.87 -12.81
CA ASP B 253 17.34 19.88 -13.10
C ASP B 253 17.90 20.47 -11.81
N LEU B 254 17.14 20.38 -10.73
CA LEU B 254 17.59 20.94 -9.45
C LEU B 254 18.48 20.00 -8.67
N VAL B 255 18.54 18.73 -9.06
CA VAL B 255 19.37 17.75 -8.37
C VAL B 255 20.74 17.55 -9.02
N LEU B 256 21.77 18.14 -8.44
CA LEU B 256 23.11 18.02 -8.97
C LEU B 256 23.75 16.75 -8.45
N GLU B 257 24.36 15.98 -9.34
CA GLU B 257 24.99 14.74 -8.96
C GLU B 257 26.44 14.65 -9.42
N VAL B 258 27.19 13.75 -8.79
CA VAL B 258 28.60 13.55 -9.11
C VAL B 258 28.81 12.06 -9.40
N THR B 259 29.33 11.74 -10.58
CA THR B 259 29.58 10.33 -10.90
C THR B 259 30.91 9.97 -10.28
N MET B 260 30.98 8.79 -9.68
CA MET B 260 32.19 8.35 -9.01
C MET B 260 33.27 7.73 -9.86
N GLU B 261 34.44 8.36 -9.83
CA GLU B 261 35.61 7.89 -10.54
C GLU B 261 36.77 7.84 -9.55
N HIS B 262 37.82 7.12 -9.91
CA HIS B 262 39.00 7.02 -9.07
C HIS B 262 40.17 7.57 -9.89
N PRO B 263 41.04 8.37 -9.27
CA PRO B 263 42.19 8.95 -9.98
C PRO B 263 43.18 7.95 -10.57
N LYS B 264 43.08 6.68 -10.18
CA LYS B 264 43.98 5.66 -10.69
C LYS B 264 43.23 4.46 -11.24
N TYR B 265 42.29 3.94 -10.47
CA TYR B 265 41.50 2.79 -10.86
C TYR B 265 40.44 3.15 -11.90
N GLU B 266 40.67 2.77 -13.16
CA GLU B 266 39.71 3.07 -14.22
C GLU B 266 38.44 2.26 -14.04
N TRP B 267 38.55 1.09 -13.41
CA TRP B 267 37.40 0.24 -13.18
C TRP B 267 36.43 0.77 -12.14
N PHE B 268 36.86 1.74 -11.35
CA PHE B 268 35.98 2.28 -10.31
C PHE B 268 34.70 2.83 -10.93
N GLN B 269 34.83 3.52 -12.04
CA GLN B 269 33.66 4.08 -12.71
C GLN B 269 32.74 2.97 -13.18
N GLU B 270 33.31 1.79 -13.43
CA GLU B 270 32.54 0.63 -13.87
C GLU B 270 31.55 0.17 -12.81
N LEU B 271 31.75 0.62 -11.57
CA LEU B 271 30.87 0.26 -10.47
C LEU B 271 29.51 0.91 -10.68
N GLY B 272 29.49 1.98 -11.49
CA GLY B 272 28.26 2.68 -11.77
C GLY B 272 27.73 3.49 -10.61
N LEU B 273 28.64 3.97 -9.75
CA LEU B 273 28.24 4.75 -8.58
C LEU B 273 28.21 6.25 -8.78
N LYS B 274 27.35 6.91 -8.02
CA LYS B 274 27.24 8.35 -8.05
C LYS B 274 26.55 8.79 -6.76
N TRP B 275 26.53 10.10 -6.53
CA TRP B 275 25.86 10.61 -5.35
C TRP B 275 25.47 12.06 -5.59
N TYR B 276 24.53 12.54 -4.80
CA TYR B 276 24.10 13.93 -4.94
C TYR B 276 25.03 14.86 -4.18
N ALA B 277 25.09 16.10 -4.62
CA ALA B 277 25.96 17.09 -4.02
C ALA B 277 25.41 17.81 -2.79
N LEU B 278 24.10 17.77 -2.61
CA LEU B 278 23.46 18.50 -1.54
C LEU B 278 22.96 17.74 -0.33
N PRO B 279 23.64 17.89 0.83
CA PRO B 279 23.23 17.22 2.08
C PRO B 279 22.31 18.19 2.81
N ALA B 280 21.04 17.81 2.94
CA ALA B 280 20.07 18.67 3.58
C ALA B 280 19.12 17.94 4.52
N VAL B 281 19.07 18.39 5.77
CA VAL B 281 18.20 17.78 6.77
C VAL B 281 16.79 18.32 6.58
N ALA B 282 15.82 17.42 6.42
CA ALA B 282 14.45 17.84 6.19
C ALA B 282 13.48 17.60 7.34
N ASN B 283 13.87 16.73 8.27
CA ASN B 283 12.97 16.33 9.37
C ASN B 283 13.21 16.83 10.79
N MET B 284 14.04 17.83 10.98
CA MET B 284 14.25 18.29 12.35
C MET B 284 13.38 19.46 12.74
N LEU B 285 13.42 19.81 14.02
CA LEU B 285 12.61 20.89 14.55
C LEU B 285 13.46 21.97 15.20
N LEU B 286 13.19 23.22 14.83
CA LEU B 286 13.91 24.33 15.40
C LEU B 286 13.15 24.86 16.59
N GLU B 287 13.80 24.87 17.75
CA GLU B 287 13.19 25.36 18.99
C GLU B 287 13.91 26.66 19.31
N VAL B 288 13.14 27.69 19.61
CA VAL B 288 13.70 28.98 19.94
C VAL B 288 12.75 29.74 20.86
N GLY B 289 13.27 30.18 22.00
CA GLY B 289 12.45 30.91 22.96
C GLY B 289 11.08 30.31 23.19
N GLY B 290 10.99 28.98 23.20
CA GLY B 290 9.70 28.35 23.43
C GLY B 290 8.94 27.98 22.18
N LEU B 291 9.20 28.71 21.10
CA LEU B 291 8.53 28.43 19.82
C LEU B 291 9.11 27.15 19.22
N GLU B 292 8.32 26.47 18.42
CA GLU B 292 8.73 25.23 17.77
C GLU B 292 8.40 25.23 16.27
N PHE B 293 9.42 25.02 15.44
CA PHE B 293 9.22 24.96 13.99
C PHE B 293 9.45 23.53 13.52
N PRO B 294 8.36 22.77 13.32
CA PRO B 294 8.42 21.37 12.87
C PRO B 294 8.95 21.18 11.46
N ALA B 295 8.98 22.24 10.67
CA ALA B 295 9.48 22.16 9.30
C ALA B 295 10.46 23.30 9.06
N CYS B 296 11.73 22.95 8.97
CA CYS B 296 12.80 23.94 8.77
C CYS B 296 13.99 23.23 8.13
N PRO B 297 13.87 22.84 6.85
CA PRO B 297 14.98 22.15 6.18
C PRO B 297 16.23 23.03 6.06
N PHE B 298 17.37 22.43 6.36
CA PHE B 298 18.63 23.16 6.26
C PHE B 298 19.70 22.31 5.61
N ASN B 299 20.71 22.98 5.06
CA ASN B 299 21.80 22.27 4.40
C ASN B 299 23.12 23.01 4.54
N GLY B 300 24.19 22.27 4.26
CA GLY B 300 25.54 22.79 4.26
C GLY B 300 26.15 22.04 3.09
N TRP B 301 27.38 21.57 3.24
CA TRP B 301 28.00 20.79 2.19
C TRP B 301 28.52 19.50 2.81
N TYR B 302 28.93 18.57 1.96
CA TYR B 302 29.39 17.27 2.40
C TYR B 302 30.80 17.15 2.98
N MET B 303 30.98 16.11 3.78
CA MET B 303 32.27 15.74 4.33
C MET B 303 32.42 14.38 3.64
N GLY B 304 33.52 14.19 2.92
CA GLY B 304 33.74 12.96 2.17
C GLY B 304 33.30 11.63 2.78
N THR B 305 33.62 11.44 4.06
CA THR B 305 33.29 10.19 4.72
C THR B 305 31.80 9.85 4.79
N GLU B 306 30.93 10.85 4.76
CA GLU B 306 29.50 10.59 4.81
C GLU B 306 29.10 9.67 3.65
N ILE B 307 29.66 9.96 2.49
CA ILE B 307 29.38 9.20 1.28
C ILE B 307 30.32 7.99 1.14
N GLY B 308 31.62 8.26 1.14
CA GLY B 308 32.56 7.17 0.97
C GLY B 308 32.51 6.08 2.01
N VAL B 309 32.24 6.44 3.26
CA VAL B 309 32.22 5.45 4.32
C VAL B 309 30.83 4.94 4.73
N ARG B 310 29.95 5.85 5.11
CA ARG B 310 28.62 5.46 5.56
C ARG B 310 27.69 5.05 4.41
N ASP B 311 27.47 5.97 3.47
CA ASP B 311 26.59 5.69 2.33
C ASP B 311 27.02 4.47 1.51
N PHE B 312 28.29 4.44 1.11
CA PHE B 312 28.78 3.32 0.29
C PHE B 312 29.19 2.06 1.04
N CYS B 313 29.79 2.19 2.22
CA CYS B 313 30.26 1.02 2.94
C CYS B 313 29.44 0.42 4.09
N ASP B 314 28.46 1.16 4.61
CA ASP B 314 27.62 0.57 5.66
C ASP B 314 26.94 -0.65 5.04
N THR B 315 26.89 -1.76 5.79
CA THR B 315 26.25 -2.96 5.26
C THR B 315 24.75 -2.76 5.04
N GLN B 316 24.14 -1.87 5.81
CA GLN B 316 22.71 -1.60 5.67
C GLN B 316 22.42 -0.50 4.64
N ARG B 317 23.44 -0.10 3.88
CA ARG B 317 23.28 0.94 2.87
C ARG B 317 23.63 0.36 1.49
N TYR B 318 24.61 0.94 0.79
CA TYR B 318 24.97 0.42 -0.53
C TYR B 318 25.93 -0.77 -0.47
N ASN B 319 26.54 -0.97 0.70
CA ASN B 319 27.42 -2.10 0.95
C ASN B 319 28.31 -2.55 -0.22
N ILE B 320 29.16 -1.63 -0.70
CA ILE B 320 30.05 -1.93 -1.83
C ILE B 320 31.46 -2.35 -1.42
N LEU B 321 31.73 -2.41 -0.13
CA LEU B 321 33.07 -2.74 0.34
C LEU B 321 33.73 -3.99 -0.25
N GLU B 322 33.04 -5.12 -0.21
CA GLU B 322 33.62 -6.34 -0.75
C GLU B 322 33.91 -6.27 -2.25
N GLU B 323 32.96 -5.77 -3.03
CA GLU B 323 33.15 -5.65 -4.47
C GLU B 323 34.43 -4.88 -4.76
N VAL B 324 34.59 -3.72 -4.12
CA VAL B 324 35.78 -2.91 -4.32
C VAL B 324 37.03 -3.70 -3.92
N GLY B 325 36.93 -4.43 -2.81
CA GLY B 325 38.06 -5.22 -2.36
C GLY B 325 38.47 -6.24 -3.41
N ARG B 326 37.48 -6.90 -4.01
CA ARG B 326 37.75 -7.90 -5.04
C ARG B 326 38.42 -7.28 -6.27
N ARG B 327 37.92 -6.13 -6.70
CA ARG B 327 38.50 -5.48 -7.87
C ARG B 327 39.90 -4.95 -7.60
N MET B 328 40.25 -4.84 -6.31
CA MET B 328 41.58 -4.38 -5.94
C MET B 328 42.49 -5.60 -5.78
N GLY B 329 41.91 -6.79 -5.89
CA GLY B 329 42.68 -8.01 -5.76
C GLY B 329 43.21 -8.26 -4.36
N LEU B 330 42.41 -7.90 -3.36
CA LEU B 330 42.82 -8.08 -1.97
C LEU B 330 42.30 -9.39 -1.41
N GLU B 331 42.81 -9.78 -0.24
CA GLU B 331 42.40 -11.02 0.41
C GLU B 331 41.12 -10.75 1.19
N THR B 332 40.03 -10.53 0.47
CA THR B 332 38.75 -10.24 1.08
C THR B 332 38.20 -11.40 1.91
N HIS B 333 38.96 -12.46 2.03
CA HIS B 333 38.52 -13.62 2.82
C HIS B 333 39.33 -13.76 4.09
N THR B 334 40.20 -12.79 4.33
CA THR B 334 41.03 -12.80 5.53
C THR B 334 40.96 -11.41 6.15
N LEU B 335 40.11 -11.28 7.16
CA LEU B 335 39.95 -10.00 7.86
C LEU B 335 41.30 -9.43 8.27
N ALA B 336 42.14 -10.28 8.85
CA ALA B 336 43.45 -9.87 9.33
C ALA B 336 44.31 -9.17 8.29
N SER B 337 44.00 -9.36 7.01
CA SER B 337 44.79 -8.72 5.96
C SER B 337 44.55 -7.22 5.91
N LEU B 338 43.49 -6.78 6.59
CA LEU B 338 43.13 -5.36 6.62
C LEU B 338 42.70 -4.88 5.23
N TRP B 339 42.18 -5.79 4.41
CA TRP B 339 41.73 -5.42 3.07
C TRP B 339 40.63 -4.36 3.15
N LYS B 340 39.79 -4.44 4.17
CA LYS B 340 38.72 -3.46 4.34
C LYS B 340 39.25 -2.04 4.49
N ASP B 341 40.36 -1.89 5.21
CA ASP B 341 40.96 -0.56 5.43
C ASP B 341 41.53 0.00 4.14
N ARG B 342 42.07 -0.86 3.30
CA ARG B 342 42.64 -0.42 2.04
C ARG B 342 41.54 -0.05 1.05
N ALA B 343 40.46 -0.83 1.05
CA ALA B 343 39.35 -0.56 0.15
C ALA B 343 38.68 0.77 0.50
N VAL B 344 38.22 0.89 1.75
CA VAL B 344 37.55 2.11 2.20
C VAL B 344 38.35 3.38 1.89
N THR B 345 39.67 3.29 2.00
CA THR B 345 40.52 4.45 1.72
C THR B 345 40.43 4.86 0.26
N GLU B 346 40.40 3.88 -0.65
CA GLU B 346 40.32 4.19 -2.07
C GLU B 346 38.95 4.75 -2.43
N ILE B 347 37.93 4.34 -1.70
CA ILE B 347 36.58 4.83 -1.93
C ILE B 347 36.51 6.30 -1.49
N ASN B 348 37.14 6.61 -0.36
CA ASN B 348 37.16 7.99 0.12
C ASN B 348 37.92 8.85 -0.88
N VAL B 349 38.99 8.31 -1.43
CA VAL B 349 39.79 9.04 -2.43
C VAL B 349 38.94 9.29 -3.68
N ALA B 350 38.15 8.29 -4.07
CA ALA B 350 37.30 8.42 -5.25
C ALA B 350 36.26 9.52 -5.02
N VAL B 351 35.64 9.51 -3.84
CA VAL B 351 34.64 10.52 -3.53
C VAL B 351 35.21 11.92 -3.61
N LEU B 352 36.31 12.15 -2.91
CA LEU B 352 36.94 13.48 -2.92
C LEU B 352 37.40 13.86 -4.32
N HIS B 353 38.00 12.91 -5.03
CA HIS B 353 38.48 13.15 -6.39
C HIS B 353 37.34 13.50 -7.33
N SER B 354 36.23 12.80 -7.20
CA SER B 354 35.08 13.04 -8.06
C SER B 354 34.43 14.40 -7.83
N PHE B 355 34.20 14.78 -6.57
CA PHE B 355 33.59 16.07 -6.28
C PHE B 355 34.51 17.19 -6.74
N GLN B 356 35.80 17.03 -6.53
CA GLN B 356 36.76 18.04 -6.95
C GLN B 356 36.75 18.17 -8.46
N LYS B 357 36.77 17.04 -9.15
CA LYS B 357 36.76 17.02 -10.60
C LYS B 357 35.51 17.71 -11.14
N GLN B 358 34.36 17.39 -10.55
CA GLN B 358 33.08 17.98 -10.94
C GLN B 358 32.90 19.38 -10.36
N ASN B 359 33.93 19.90 -9.70
CA ASN B 359 33.88 21.23 -9.10
C ASN B 359 32.76 21.41 -8.08
N VAL B 360 32.53 20.40 -7.26
CA VAL B 360 31.47 20.49 -6.25
C VAL B 360 32.10 20.59 -4.86
N THR B 361 31.61 21.53 -4.06
CA THR B 361 32.16 21.71 -2.73
C THR B 361 32.12 20.43 -1.90
N ILE B 362 33.20 20.15 -1.21
CA ILE B 362 33.31 18.99 -0.33
C ILE B 362 34.53 19.18 0.55
N MET B 363 34.55 18.51 1.69
CA MET B 363 35.68 18.61 2.61
C MET B 363 36.04 17.24 3.15
N ASP B 364 37.35 16.96 3.20
CA ASP B 364 37.80 15.67 3.70
C ASP B 364 37.69 15.72 5.23
N HIS B 365 37.67 14.56 5.86
CA HIS B 365 37.54 14.49 7.31
C HIS B 365 38.70 15.05 8.13
N HIS B 366 39.91 15.01 7.58
CA HIS B 366 41.07 15.54 8.29
C HIS B 366 40.94 17.07 8.40
N THR B 367 40.69 17.70 7.26
CA THR B 367 40.54 19.16 7.23
C THR B 367 39.36 19.59 8.11
N ALA B 368 38.27 18.84 8.04
CA ALA B 368 37.09 19.15 8.84
C ALA B 368 37.40 19.09 10.34
N SER B 369 38.16 18.09 10.74
CA SER B 369 38.53 17.94 12.15
C SER B 369 39.36 19.11 12.65
N GLU B 370 40.39 19.50 11.90
CA GLU B 370 41.22 20.63 12.30
C GLU B 370 40.34 21.86 12.36
N SER B 371 39.44 21.98 11.40
CA SER B 371 38.52 23.10 11.36
C SER B 371 37.68 23.15 12.64
N PHE B 372 37.13 22.01 13.04
CA PHE B 372 36.33 22.00 14.25
C PHE B 372 37.16 22.32 15.49
N MET B 373 38.41 21.86 15.52
CA MET B 373 39.26 22.13 16.67
C MET B 373 39.49 23.62 16.81
N LYS B 374 39.66 24.29 15.67
CA LYS B 374 39.86 25.73 15.64
C LYS B 374 38.59 26.40 16.14
N HIS B 375 37.44 25.90 15.71
CA HIS B 375 36.15 26.46 16.10
C HIS B 375 35.90 26.29 17.60
N MET B 376 36.23 25.11 18.11
CA MET B 376 36.03 24.82 19.52
C MET B 376 36.84 25.80 20.37
N GLN B 377 38.07 26.06 19.94
CA GLN B 377 38.93 26.99 20.65
C GLN B 377 38.38 28.41 20.60
N ASN B 378 37.82 28.80 19.46
CA ASN B 378 37.24 30.14 19.35
C ASN B 378 36.06 30.22 20.30
N GLU B 379 35.29 29.15 20.38
CA GLU B 379 34.11 29.10 21.23
C GLU B 379 34.39 29.19 22.72
N TYR B 380 35.44 28.54 23.21
CA TYR B 380 35.74 28.63 24.62
C TYR B 380 36.15 30.05 24.97
N ARG B 381 36.86 30.69 24.05
CA ARG B 381 37.28 32.08 24.26
C ARG B 381 36.05 32.98 24.19
N ALA B 382 35.20 32.74 23.20
CA ALA B 382 34.00 33.53 23.00
C ALA B 382 32.96 33.42 24.10
N ARG B 383 32.59 32.20 24.47
CA ARG B 383 31.57 32.06 25.51
C ARG B 383 31.79 30.93 26.51
N GLY B 384 33.05 30.54 26.70
CA GLY B 384 33.37 29.51 27.67
C GLY B 384 32.76 28.13 27.49
N GLY B 385 32.68 27.66 26.26
CA GLY B 385 32.11 26.34 26.02
C GLY B 385 31.70 26.08 24.60
N CYS B 386 31.49 24.80 24.30
CA CYS B 386 31.07 24.36 22.98
C CYS B 386 30.45 22.98 23.12
N PRO B 387 29.13 22.90 23.11
CA PRO B 387 28.50 21.58 23.24
C PRO B 387 29.00 20.70 22.10
N ALA B 388 29.51 19.53 22.43
CA ALA B 388 30.06 18.64 21.42
C ALA B 388 29.83 17.18 21.75
N ASP B 389 29.38 16.42 20.75
CA ASP B 389 29.14 15.00 20.90
C ASP B 389 30.29 14.25 20.24
N TRP B 390 31.24 13.84 21.06
CA TRP B 390 32.43 13.12 20.60
C TRP B 390 32.06 11.97 19.66
N ILE B 391 31.09 11.16 20.08
CA ILE B 391 30.68 10.01 19.28
C ILE B 391 30.27 10.36 17.85
N TRP B 392 29.76 11.57 17.65
CA TRP B 392 29.37 11.99 16.31
C TRP B 392 30.44 12.82 15.60
N LEU B 393 31.20 13.60 16.38
CA LEU B 393 32.24 14.45 15.82
C LEU B 393 33.46 13.71 15.27
N VAL B 394 33.80 12.57 15.86
CA VAL B 394 34.94 11.79 15.37
C VAL B 394 34.51 11.04 14.12
N PRO B 395 35.19 11.30 12.98
CA PRO B 395 34.88 10.65 11.69
C PRO B 395 34.81 9.12 11.77
N PRO B 396 34.00 8.50 10.89
CA PRO B 396 33.84 7.04 10.85
C PRO B 396 35.09 6.25 10.47
N VAL B 397 36.14 6.94 10.04
CA VAL B 397 37.40 6.27 9.73
C VAL B 397 38.54 7.12 10.27
N SER B 398 39.68 6.46 10.47
CA SER B 398 40.90 7.09 10.97
C SER B 398 40.73 7.98 12.20
N GLY B 399 39.90 7.53 13.12
CA GLY B 399 39.61 8.25 14.34
C GLY B 399 40.74 9.00 15.04
N SER B 400 41.67 8.26 15.65
CA SER B 400 42.76 8.90 16.38
C SER B 400 43.79 9.63 15.52
N ILE B 401 43.64 9.54 14.20
CA ILE B 401 44.55 10.24 13.31
C ILE B 401 44.04 11.68 13.19
N THR B 402 42.80 11.90 13.62
CA THR B 402 42.22 13.25 13.58
C THR B 402 42.38 13.83 14.98
N PRO B 403 42.48 15.16 15.08
CA PRO B 403 42.65 15.79 16.40
C PRO B 403 41.46 15.73 17.34
N VAL B 404 40.23 15.73 16.80
CA VAL B 404 39.06 15.71 17.65
C VAL B 404 39.01 14.49 18.56
N PHE B 405 39.59 13.39 18.10
CA PHE B 405 39.61 12.15 18.88
C PHE B 405 40.30 12.36 20.23
N HIS B 406 41.33 13.19 20.25
CA HIS B 406 42.10 13.42 21.48
C HIS B 406 41.57 14.57 22.32
N GLN B 407 40.46 15.16 21.91
CA GLN B 407 39.85 16.27 22.64
C GLN B 407 38.69 15.81 23.51
N GLU B 408 38.79 16.05 24.82
CA GLU B 408 37.69 15.69 25.70
C GLU B 408 36.61 16.72 25.41
N MET B 409 35.36 16.26 25.37
CA MET B 409 34.24 17.14 25.07
C MET B 409 33.08 16.99 26.04
N LEU B 410 32.29 18.04 26.14
CA LEU B 410 31.15 18.08 27.02
C LEU B 410 29.92 18.25 26.13
N ASN B 411 28.98 17.31 26.23
CA ASN B 411 27.78 17.36 25.43
C ASN B 411 26.55 17.78 26.24
N TYR B 412 25.92 18.88 25.82
CA TYR B 412 24.73 19.37 26.50
C TYR B 412 23.82 20.09 25.51
N VAL B 413 22.56 20.28 25.88
CA VAL B 413 21.58 20.93 25.04
C VAL B 413 21.29 22.37 25.43
N LEU B 414 21.57 23.30 24.53
CA LEU B 414 21.32 24.72 24.78
C LEU B 414 20.05 25.10 24.03
N SER B 415 19.84 26.39 23.82
CA SER B 415 18.65 26.87 23.11
C SER B 415 19.00 28.23 22.55
N PRO B 416 18.64 28.50 21.27
CA PRO B 416 17.94 27.68 20.27
C PRO B 416 18.65 26.34 19.99
N PHE B 417 17.88 25.37 19.51
CA PHE B 417 18.40 24.03 19.24
C PHE B 417 17.60 23.31 18.14
N TYR B 418 18.25 22.39 17.44
CA TYR B 418 17.59 21.59 16.41
C TYR B 418 17.36 20.21 17.02
N TYR B 419 16.09 19.85 17.18
CA TYR B 419 15.73 18.55 17.76
C TYR B 419 15.24 17.57 16.72
N TYR B 420 15.23 16.30 17.11
CA TYR B 420 14.71 15.25 16.25
C TYR B 420 13.22 15.29 16.55
N GLN B 421 12.43 14.58 15.75
CA GLN B 421 10.99 14.52 15.95
C GLN B 421 10.59 13.07 15.79
N ILE B 422 9.39 12.74 16.25
CA ILE B 422 8.88 11.38 16.11
C ILE B 422 8.49 11.29 14.64
N GLU B 423 8.78 10.16 14.00
CA GLU B 423 8.41 10.00 12.59
C GLU B 423 6.93 10.35 12.45
N PRO B 424 6.60 11.30 11.57
CA PRO B 424 5.23 11.77 11.32
C PRO B 424 4.15 10.73 11.00
N TRP B 425 4.52 9.66 10.31
CA TRP B 425 3.53 8.64 9.98
C TRP B 425 3.09 7.85 11.20
N LYS B 426 3.75 8.07 12.34
CA LYS B 426 3.42 7.36 13.56
C LYS B 426 2.38 8.09 14.41
N THR B 427 2.29 9.40 14.24
CA THR B 427 1.35 10.19 15.03
C THR B 427 0.34 10.95 14.20
N HIS B 428 0.45 10.84 12.87
CA HIS B 428 -0.46 11.56 11.99
C HIS B 428 -1.88 11.04 12.05
N ILE B 429 -2.82 11.97 12.14
CA ILE B 429 -4.23 11.65 12.16
C ILE B 429 -4.69 11.95 10.74
N TRP B 430 -4.84 10.92 9.92
CA TRP B 430 -5.26 11.11 8.54
C TRP B 430 -6.66 11.70 8.39
N GLN B 431 -6.83 12.52 7.37
CA GLN B 431 -8.11 13.15 7.09
C GLN B 431 -8.94 12.25 6.19
N ASN B 432 -8.30 11.72 5.15
CA ASN B 432 -8.96 10.84 4.20
C ASN B 432 -8.16 9.55 4.01
CHA HEM C . -22.78 -18.61 -14.28
CHB HEM C . -21.63 -23.11 -15.60
CHC HEM C . -23.20 -24.75 -11.39
CHD HEM C . -24.61 -20.31 -10.18
C1A HEM C . -22.21 -19.67 -15.00
C2A HEM C . -21.39 -19.56 -16.21
C3A HEM C . -21.12 -20.85 -16.60
C4A HEM C . -21.73 -21.73 -15.61
CMA HEM C . -20.36 -21.25 -17.87
CAA HEM C . -20.79 -18.33 -16.87
CBA HEM C . -19.76 -17.67 -15.98
CGA HEM C . -19.03 -16.51 -16.64
O1A HEM C . -18.22 -15.85 -15.95
O2A HEM C . -19.26 -16.27 -17.84
C1B HEM C . -22.08 -23.99 -14.62
C2B HEM C . -21.78 -25.41 -14.62
C3B HEM C . -22.19 -25.90 -13.43
C4B HEM C . -22.75 -24.75 -12.71
CMB HEM C . -21.12 -26.21 -15.74
CAB HEM C . -21.96 -27.23 -13.02
CBB HEM C . -22.72 -28.01 -12.18
C1C HEM C . -23.70 -23.69 -10.65
C2C HEM C . -24.03 -23.74 -9.25
C3C HEM C . -24.48 -22.49 -8.90
C4C HEM C . -24.38 -21.68 -10.10
CMC HEM C . -23.78 -24.97 -8.35
CAC HEM C . -24.96 -22.05 -7.65
CBC HEM C . -25.47 -22.84 -6.62
C1D HEM C . -24.34 -19.45 -11.24
C2D HEM C . -24.52 -18.01 -11.20
C3D HEM C . -23.98 -17.53 -12.33
C4D HEM C . -23.50 -18.68 -13.10
CMD HEM C . -25.21 -17.15 -10.14
CAD HEM C . -23.78 -16.04 -12.62
CBD HEM C . -22.36 -15.68 -12.24
CGD HEM C . -22.04 -14.23 -12.49
O1D HEM C . -20.86 -13.86 -12.55
O2D HEM C . -23.00 -13.44 -12.62
NA HEM C . -22.37 -21.00 -14.64
NB HEM C . -22.69 -23.61 -13.48
NC HEM C . -23.89 -22.43 -11.14
ND HEM C . -23.74 -19.85 -12.41
FE HEM C . -23.46 -21.76 -13.08
N1 H4B D . -21.49 -14.09 -21.08
C2 H4B D . -20.90 -14.70 -20.05
N2 H4B D . -21.31 -15.94 -19.89
N3 H4B D . -19.99 -14.24 -19.20
C4 H4B D . -19.69 -12.98 -19.51
O4 H4B D . -18.77 -12.47 -18.87
C4A H4B D . -20.17 -12.02 -20.43
C8A H4B D . -21.11 -12.82 -21.11
N5 H4B D . -19.87 -10.74 -20.64
N8 H4B D . -21.78 -12.09 -22.01
C6 H4B D . -20.57 -10.14 -21.77
C7 H4B D . -21.60 -10.84 -22.56
C9 H4B D . -20.16 -8.70 -21.46
O9 H4B D . -19.07 -8.71 -22.39
C10 H4B D . -21.19 -7.83 -22.22
C11 H4B D . -20.73 -6.40 -22.41
O10 H4B D . -22.41 -7.78 -21.47
C9 332 E . -19.55 -18.62 -12.69
O10 332 E . -20.21 -19.28 -11.56
C3 332 E . -20.17 -20.63 -11.34
C4 332 E . -19.54 -21.56 -12.09
C6 332 E . -18.71 -21.48 -13.33
N23 332 E . -18.59 -22.59 -14.05
N7 332 E . -18.07 -20.42 -13.78
C8 332 E . -17.20 -19.01 -11.71
C11 332 E . -18.11 -19.09 -13.05
O12 332 E . -15.84 -19.42 -11.91
C13 332 E . -14.93 -18.41 -12.35
C18 332 E . -13.51 -18.64 -12.24
C17 332 E . -12.58 -17.63 -12.69
C16 332 E . -13.04 -16.40 -13.27
C22 332 E . -12.02 -15.36 -13.75
C21 332 E . -12.69 -14.05 -14.34
N20 332 E . -14.01 -14.35 -14.97
C19 332 E . -15.01 -14.87 -13.99
C15 332 E . -14.47 -16.17 -13.38
C14 332 E . -15.38 -17.14 -12.94
S5 332 E . -19.80 -23.15 -11.41
C1 332 E . -20.75 -22.42 -10.11
C2 332 E . -20.86 -21.13 -10.21
S SO4 F . -45.21 -18.71 -35.50
O1 SO4 F . -44.70 -18.37 -36.84
O2 SO4 F . -44.65 -20.01 -35.07
O3 SO4 F . -44.81 -17.66 -34.54
O4 SO4 F . -46.68 -18.80 -35.54
S SO4 G . -49.52 -20.22 -29.90
O1 SO4 G . -49.04 -19.23 -28.91
O2 SO4 G . -48.91 -21.54 -29.62
O3 SO4 G . -50.98 -20.31 -29.82
O4 SO4 G . -49.12 -19.78 -31.25
CHA HEM H . 25.49 16.97 11.49
CHB HEM H . 28.80 18.51 8.34
CHC HEM H . 26.52 22.69 8.02
CHD HEM H . 23.33 21.26 11.33
C1A HEM H . 26.55 16.97 10.59
C2A HEM H . 27.34 15.79 10.20
C3A HEM H . 28.28 16.25 9.33
C4A HEM H . 28.06 17.68 9.18
CMA HEM H . 29.38 15.44 8.66
CAA HEM H . 27.10 14.33 10.54
CBA HEM H . 25.96 13.79 9.68
CGA HEM H . 25.72 12.30 9.86
O1A HEM H . 24.64 11.83 9.45
O2A HEM H . 26.61 11.60 10.40
C1B HEM H . 28.57 19.84 8.06
C2B HEM H . 29.29 20.59 7.07
C3B HEM H . 28.68 21.80 6.95
C4B HEM H . 27.54 21.75 7.89
CMB HEM H . 30.54 20.09 6.31
CAB HEM H . 29.12 22.79 6.04
CBB HEM H . 28.78 24.15 5.97
C1C HEM H . 25.39 22.67 8.84
C2C HEM H . 24.31 23.68 8.85
C3C HEM H . 23.43 23.31 9.85
C4C HEM H . 23.96 22.05 10.38
CMC HEM H . 24.15 24.82 7.83
CAC HEM H . 22.30 23.98 10.33
CBC HEM H . 21.89 25.28 10.00
C1D HEM H . 23.68 19.99 11.75
C2D HEM H . 22.90 19.19 12.66
C3D HEM H . 23.49 17.96 12.68
C4D HEM H . 24.66 18.03 11.81
CMD HEM H . 21.67 19.59 13.47
CAD HEM H . 22.90 16.74 13.35
CBD HEM H . 22.29 15.83 12.30
CGD HEM H . 21.67 14.59 12.91
O1D HEM H . 21.28 13.67 12.15
O2D HEM H . 21.57 14.52 14.15
NA HEM H . 26.98 18.10 9.92
NB HEM H . 27.53 20.56 8.57
NC HEM H . 25.13 21.69 9.75
ND HEM H . 24.76 19.29 11.26
FE HEM H . 26.30 20.03 10.10
N1 H4B I . 28.51 9.66 14.12
C2 H4B I . 27.90 10.24 13.10
N2 H4B I . 28.42 11.39 12.68
N3 H4B I . 26.81 9.84 12.44
C4 H4B I . 26.26 8.69 12.82
O4 H4B I . 25.32 8.22 12.17
C4A H4B I . 26.66 7.89 13.91
C8A H4B I . 27.79 8.57 14.40
N5 H4B I . 26.08 6.78 14.37
N8 H4B I . 28.36 7.98 15.46
C6 H4B I . 26.86 6.19 15.45
C7 H4B I . 28.05 6.79 16.08
C9 H4B I . 25.88 5.07 15.82
O9 H4B I . 26.40 3.84 15.30
C10 H4B I . 26.12 4.65 17.28
C11 H4B I . 25.35 3.48 17.86
O10 H4B I . 25.78 5.76 18.15
C9 332 J . 23.73 16.02 8.47
O10 332 J . 23.24 17.39 8.48
C3 332 J . 23.78 18.39 7.71
C4 332 J . 24.80 18.30 6.84
C6 332 J . 25.66 17.16 6.41
N23 332 J . 26.83 17.45 5.87
N7 332 J . 25.36 15.86 6.50
C8 332 J . 22.75 15.55 6.16
C11 332 J . 24.06 15.38 7.10
O12 332 J . 22.89 14.99 4.83
C13 332 J . 22.57 13.60 4.69
C18 332 J . 22.34 13.07 3.36
C17 332 J . 22.01 11.67 3.19
C16 332 J . 21.92 10.80 4.32
C22 332 J . 21.57 9.32 4.09
C21 332 J . 21.49 8.48 5.42
N20 332 J . 22.41 9.01 6.48
C19 332 J . 22.06 10.41 6.88
C15 332 J . 22.15 11.33 5.64
C14 332 J . 22.46 12.68 5.82
S5 332 J . 25.11 19.85 6.11
C1 332 J . 23.78 20.54 7.04
C2 332 J . 23.19 19.68 7.82
S SO4 K . 46.75 17.80 34.01
O1 SO4 K . 45.43 17.19 34.21
O2 SO4 K . 47.38 18.07 35.31
O3 SO4 K . 47.61 16.88 33.23
O4 SO4 K . 46.60 19.07 33.26
S SO4 L . 44.20 24.13 35.11
O1 SO4 L . 45.19 23.07 34.84
O2 SO4 L . 42.84 23.59 34.97
O3 SO4 L . 44.38 24.65 36.48
O4 SO4 L . 44.40 25.23 34.13
#